data_6C9R
#
_entry.id   6C9R
#
_cell.length_a   75.236
_cell.length_b   81.984
_cell.length_c   158.330
_cell.angle_alpha   90.00
_cell.angle_beta   90.00
_cell.angle_gamma   90.00
#
_symmetry.space_group_name_H-M   'P 21 21 21'
#
loop_
_entity.id
_entity.type
_entity.pdbx_description
1 polymer 'Adenosine kinase'
2 non-polymer 9-beta-D-ribofuranosyl-6-(thiophen-3-yl)-9H-purine
3 non-polymer 'SODIUM ION'
4 non-polymer GLYCEROL
5 water water
#
_entity_poly.entity_id   1
_entity_poly.type   'polypeptide(L)'
_entity_poly.pdbx_seq_one_letter_code
;GLQGTENLYFQSHMTIAVTGSIATDHLMRFPGRFSEQLLPEHLHKVSLSFLVDDLVMHRGGVAGNMAFAIGVLGGEVALV
GAAGADFADYRDWLKARGVNCDHVLISETAHTARFTCTTDVDMAQIASFYPGAMSEARNIKLADVVSAIGKPELVIIGAN
DPEAMFLHTEECRKLGLAFAADPSQQLARLSGEEIRRLVNGAAYLFTNDYEWDLLLSKTGWSEADVMAQIDLRVTTLGPK
GVDLVEPDGTTIHVGVVPETSQTDPTGVGDAFRAGFLTGRSAGLGLERSAQLGSLVAVLVLESTGTQEWQWDYEAAASRL
AGAYGEHAAAEIVAVLA
;
_entity_poly.pdbx_strand_id   A,B
#
loop_
_chem_comp.id
_chem_comp.type
_chem_comp.name
_chem_comp.formula
ERJ non-polymer 9-beta-D-ribofuranosyl-6-(thiophen-3-yl)-9H-purine 'C14 H14 N4 O4 S'
GOL non-polymer GLYCEROL 'C3 H8 O3'
NA non-polymer 'SODIUM ION' 'Na 1'
#
# COMPACT_ATOMS: atom_id res chain seq x y z
N GLY A 1 5.96 -17.93 -56.18
CA GLY A 1 6.70 -16.79 -56.82
C GLY A 1 5.77 -15.67 -57.27
N LEU A 2 4.67 -15.51 -56.55
CA LEU A 2 3.69 -14.46 -56.84
C LEU A 2 3.82 -13.26 -55.91
N GLN A 3 4.75 -13.28 -54.98
CA GLN A 3 4.87 -12.18 -54.03
C GLN A 3 5.64 -11.01 -54.63
N GLY A 4 5.18 -9.80 -54.33
CA GLY A 4 5.94 -8.60 -54.64
C GLY A 4 6.96 -8.36 -53.55
N THR A 5 8.24 -8.58 -53.89
CA THR A 5 9.29 -8.57 -52.86
C THR A 5 9.43 -7.21 -52.19
N GLU A 6 9.34 -6.13 -52.97
CA GLU A 6 9.47 -4.79 -52.41
C GLU A 6 8.37 -4.50 -51.40
N ASN A 7 7.10 -4.67 -51.80
CA ASN A 7 6.02 -4.31 -50.88
C ASN A 7 5.92 -5.30 -49.73
N LEU A 8 6.20 -6.58 -49.98
CA LEU A 8 6.23 -7.54 -48.87
C LEU A 8 7.19 -7.07 -47.79
N TYR A 9 8.44 -6.77 -48.19
CA TYR A 9 9.41 -6.33 -47.19
C TYR A 9 8.98 -5.00 -46.57
N PHE A 10 8.41 -4.10 -47.38
CA PHE A 10 7.98 -2.81 -46.86
C PHE A 10 6.99 -2.97 -45.72
N GLN A 11 6.06 -3.92 -45.86
CA GLN A 11 5.08 -4.16 -44.81
C GLN A 11 5.63 -4.99 -43.66
N SER A 12 6.77 -5.67 -43.86
CA SER A 12 7.28 -6.58 -42.83
C SER A 12 7.67 -5.89 -41.53
N HIS A 13 7.94 -4.58 -41.54
CA HIS A 13 8.45 -3.92 -40.35
C HIS A 13 7.33 -3.64 -39.35
N MET A 14 7.60 -3.95 -38.08
CA MET A 14 6.54 -3.88 -37.07
C MET A 14 7.03 -3.42 -35.69
N THR A 15 8.21 -2.83 -35.58
CA THR A 15 8.75 -2.47 -34.28
C THR A 15 7.88 -1.43 -33.58
N ILE A 16 7.47 -1.75 -32.36
CA ILE A 16 6.78 -0.80 -31.48
C ILE A 16 7.70 -0.39 -30.35
N ALA A 17 7.84 0.92 -30.13
CA ALA A 17 8.53 1.44 -28.97
C ALA A 17 7.49 1.87 -27.93
N VAL A 18 7.57 1.29 -26.73
CA VAL A 18 6.58 1.56 -25.69
C VAL A 18 7.20 2.47 -24.64
N THR A 19 6.66 3.69 -24.51
CA THR A 19 7.06 4.58 -23.43
C THR A 19 5.93 4.68 -22.42
N GLY A 20 6.30 4.77 -21.14
CA GLY A 20 5.35 4.82 -20.06
C GLY A 20 5.98 4.27 -18.81
N SER A 21 5.14 4.09 -17.78
CA SER A 21 5.64 3.74 -16.47
C SER A 21 6.15 2.31 -16.43
N ILE A 22 7.15 2.08 -15.59
CA ILE A 22 7.66 0.79 -15.17
C ILE A 22 7.54 0.75 -13.66
N ALA A 23 6.96 -0.32 -13.13
CA ALA A 23 6.60 -0.31 -11.72
C ALA A 23 6.55 -1.71 -11.14
N THR A 24 6.58 -1.76 -9.81
CA THR A 24 6.11 -2.94 -9.08
C THR A 24 4.73 -2.61 -8.55
N ASP A 25 3.78 -3.53 -8.75
CA ASP A 25 2.41 -3.37 -8.30
C ASP A 25 2.25 -4.17 -7.01
N HIS A 26 1.94 -3.51 -5.93
CA HIS A 26 1.65 -4.13 -4.64
C HIS A 26 0.13 -4.17 -4.50
N LEU A 27 -0.46 -5.32 -4.79
CA LEU A 27 -1.90 -5.49 -4.94
C LEU A 27 -2.47 -6.21 -3.73
N MET A 28 -3.53 -5.67 -3.17
CA MET A 28 -4.18 -6.22 -2.00
C MET A 28 -5.68 -6.34 -2.26
N ARG A 29 -6.31 -7.24 -1.54
CA ARG A 29 -7.73 -7.50 -1.71
C ARG A 29 -8.44 -7.17 -0.42
N PHE A 30 -9.45 -6.29 -0.51
CA PHE A 30 -10.33 -6.00 0.62
C PHE A 30 -11.50 -6.96 0.54
N PRO A 31 -11.74 -7.82 1.57
CA PRO A 31 -12.81 -8.84 1.48
C PRO A 31 -14.17 -8.28 1.88
N GLY A 32 -14.59 -7.24 1.17
CA GLY A 32 -15.85 -6.61 1.44
C GLY A 32 -16.14 -5.63 0.33
N ARG A 33 -17.07 -4.72 0.60
CA ARG A 33 -17.43 -3.68 -0.35
C ARG A 33 -17.17 -2.34 0.31
N PHE A 34 -16.34 -1.52 -0.29
CA PHE A 34 -16.13 -0.17 0.21
C PHE A 34 -17.46 0.56 0.32
N SER A 35 -18.34 0.36 -0.67
CA SER A 35 -19.64 1.04 -0.67
C SER A 35 -20.47 0.68 0.56
N GLU A 36 -20.28 -0.52 1.09
CA GLU A 36 -21.06 -0.94 2.25
C GLU A 36 -20.68 -0.16 3.49
N GLN A 37 -19.43 0.31 3.57
CA GLN A 37 -18.93 0.87 4.82
C GLN A 37 -18.32 2.25 4.71
N LEU A 38 -18.03 2.76 3.53
CA LEU A 38 -17.52 4.12 3.40
C LEU A 38 -18.69 5.05 3.10
N LEU A 39 -18.87 6.06 3.95
CA LEU A 39 -19.98 6.98 3.87
C LEU A 39 -19.47 8.41 3.92
N PRO A 40 -20.27 9.36 3.43
CA PRO A 40 -19.84 10.78 3.49
C PRO A 40 -19.46 11.25 4.88
N GLU A 41 -20.03 10.67 5.93
CA GLU A 41 -19.69 11.08 7.29
C GLU A 41 -18.21 10.84 7.62
N HIS A 42 -17.54 9.96 6.88
CA HIS A 42 -16.13 9.64 7.11
C HIS A 42 -15.20 10.68 6.51
N LEU A 43 -15.73 11.70 5.84
CA LEU A 43 -14.89 12.71 5.22
C LEU A 43 -14.51 13.85 6.17
N HIS A 44 -15.25 14.02 7.26
CA HIS A 44 -14.95 15.09 8.22
C HIS A 44 -13.51 14.96 8.67
N LYS A 45 -13.18 13.85 9.32
CA LYS A 45 -11.83 13.50 9.75
C LYS A 45 -11.46 12.16 9.11
N VAL A 46 -10.70 12.21 8.02
CA VAL A 46 -10.43 10.99 7.23
C VAL A 46 -9.46 10.10 8.00
N SER A 47 -9.93 8.92 8.38
CA SER A 47 -9.07 7.92 9.00
C SER A 47 -9.63 6.54 8.66
N LEU A 48 -9.08 5.91 7.65
CA LEU A 48 -9.52 4.60 7.19
C LEU A 48 -8.44 3.55 7.45
N SER A 49 -8.86 2.39 7.93
CA SER A 49 -7.95 1.27 8.23
C SER A 49 -8.63 -0.02 7.80
N PHE A 50 -8.29 -0.50 6.60
CA PHE A 50 -8.88 -1.72 6.05
C PHE A 50 -8.04 -2.92 6.44
N LEU A 51 -8.70 -4.00 6.82
CA LEU A 51 -8.09 -5.32 6.85
C LEU A 51 -8.13 -5.93 5.45
N VAL A 52 -6.97 -6.26 4.89
CA VAL A 52 -6.87 -6.92 3.60
C VAL A 52 -6.44 -8.36 3.83
N ASP A 53 -6.96 -9.29 3.01
CA ASP A 53 -6.70 -10.71 3.22
C ASP A 53 -5.85 -11.31 2.13
N ASP A 54 -5.22 -10.48 1.30
CA ASP A 54 -4.32 -10.96 0.26
C ASP A 54 -3.37 -9.82 -0.08
N LEU A 55 -2.12 -10.16 -0.35
CA LEU A 55 -1.11 -9.17 -0.73
C LEU A 55 -0.12 -9.87 -1.64
N VAL A 56 0.04 -9.34 -2.85
CA VAL A 56 1.00 -9.90 -3.81
C VAL A 56 1.72 -8.76 -4.50
N MET A 57 2.98 -9.00 -4.86
CA MET A 57 3.78 -8.04 -5.60
C MET A 57 4.04 -8.58 -6.99
N HIS A 58 3.74 -7.76 -8.01
CA HIS A 58 3.78 -8.19 -9.40
C HIS A 58 4.47 -7.16 -10.27
N ARG A 59 4.95 -7.61 -11.42
CA ARG A 59 5.52 -6.69 -12.39
C ARG A 59 4.42 -5.81 -12.95
N GLY A 60 4.72 -4.54 -13.19
CA GLY A 60 3.69 -3.63 -13.64
C GLY A 60 4.27 -2.37 -14.26
N GLY A 61 3.46 -1.32 -14.25
CA GLY A 61 3.73 -0.14 -15.04
C GLY A 61 3.09 -0.27 -16.40
N VAL A 62 2.49 0.79 -16.94
CA VAL A 62 1.74 0.64 -18.19
C VAL A 62 2.65 0.21 -19.32
N ALA A 63 3.86 0.76 -19.40
CA ALA A 63 4.77 0.40 -20.47
C ALA A 63 5.29 -1.02 -20.29
N GLY A 64 5.61 -1.41 -19.04
CA GLY A 64 5.98 -2.79 -18.79
C GLY A 64 4.87 -3.76 -19.19
N ASN A 65 3.64 -3.43 -18.83
CA ASN A 65 2.52 -4.29 -19.17
C ASN A 65 2.36 -4.44 -20.69
N MET A 66 2.36 -3.31 -21.40
CA MET A 66 2.17 -3.35 -22.85
C MET A 66 3.33 -4.05 -23.55
N ALA A 67 4.56 -3.79 -23.11
CA ALA A 67 5.71 -4.47 -23.71
C ALA A 67 5.65 -5.97 -23.45
N PHE A 68 5.32 -6.36 -22.22
CA PHE A 68 5.16 -7.79 -21.92
C PHE A 68 4.16 -8.43 -22.89
N ALA A 69 3.00 -7.78 -23.07
CA ALA A 69 1.97 -8.41 -23.88
C ALA A 69 2.41 -8.48 -25.34
N ILE A 70 2.99 -7.42 -25.87
CA ILE A 70 3.47 -7.44 -27.24
C ILE A 70 4.50 -8.55 -27.43
N GLY A 71 5.43 -8.68 -26.48
CA GLY A 71 6.44 -9.71 -26.59
C GLY A 71 5.86 -11.10 -26.54
N VAL A 72 4.92 -11.34 -25.62
CA VAL A 72 4.30 -12.65 -25.47
C VAL A 72 3.57 -13.05 -26.74
N LEU A 73 2.95 -12.08 -27.40
CA LEU A 73 2.19 -12.37 -28.62
C LEU A 73 3.06 -12.47 -29.86
N GLY A 74 4.37 -12.26 -29.74
CA GLY A 74 5.26 -12.42 -30.89
C GLY A 74 5.61 -11.14 -31.60
N GLY A 75 5.22 -10.00 -31.07
CA GLY A 75 5.53 -8.73 -31.68
C GLY A 75 6.99 -8.36 -31.46
N GLU A 76 7.38 -7.28 -32.12
CA GLU A 76 8.71 -6.70 -31.98
C GLU A 76 8.57 -5.42 -31.19
N VAL A 77 9.20 -5.36 -30.01
CA VAL A 77 8.90 -4.29 -29.07
C VAL A 77 10.15 -3.92 -28.31
N ALA A 78 10.31 -2.61 -28.08
CA ALA A 78 11.36 -2.07 -27.22
C ALA A 78 10.70 -1.30 -26.09
N LEU A 79 11.14 -1.55 -24.86
CA LEU A 79 10.62 -0.89 -23.66
C LEU A 79 11.47 0.34 -23.38
N VAL A 80 10.83 1.51 -23.30
CA VAL A 80 11.51 2.79 -23.17
C VAL A 80 10.93 3.51 -21.95
N GLY A 81 11.59 3.39 -20.82
CA GLY A 81 11.12 4.03 -19.59
C GLY A 81 12.22 3.98 -18.55
N ALA A 82 11.95 4.60 -17.41
CA ALA A 82 12.93 4.73 -16.33
C ALA A 82 12.56 3.79 -15.19
N ALA A 83 13.58 3.08 -14.67
CA ALA A 83 13.43 2.20 -13.53
C ALA A 83 14.62 2.35 -12.60
N GLY A 84 14.66 1.54 -11.54
CA GLY A 84 15.75 1.55 -10.61
C GLY A 84 16.62 0.32 -10.76
N ALA A 85 17.71 0.30 -9.97
CA ALA A 85 18.66 -0.80 -10.03
C ALA A 85 18.03 -2.12 -9.65
N ASP A 86 16.88 -2.09 -8.96
CA ASP A 86 16.12 -3.30 -8.67
C ASP A 86 15.56 -3.98 -9.91
N PHE A 87 15.67 -3.34 -11.08
CA PHE A 87 14.98 -3.78 -12.29
C PHE A 87 15.55 -5.08 -12.88
N ALA A 88 16.65 -5.59 -12.33
CA ALA A 88 17.38 -6.66 -13.00
C ALA A 88 16.49 -7.88 -13.27
N ASP A 89 15.85 -8.40 -12.23
CA ASP A 89 14.97 -9.55 -12.44
C ASP A 89 13.84 -9.21 -13.42
N TYR A 90 13.24 -8.04 -13.25
CA TYR A 90 12.20 -7.60 -14.18
C TYR A 90 12.76 -7.63 -15.61
N ARG A 91 14.00 -7.13 -15.78
CA ARG A 91 14.60 -7.14 -17.11
C ARG A 91 14.66 -8.55 -17.67
N ASP A 92 15.14 -9.51 -16.86
CA ASP A 92 15.23 -10.88 -17.33
C ASP A 92 13.84 -11.41 -17.68
N TRP A 93 12.84 -11.04 -16.89
CA TRP A 93 11.46 -11.46 -17.16
C TRP A 93 11.04 -10.95 -18.53
N LEU A 94 11.33 -9.70 -18.85
CA LEU A 94 10.85 -9.16 -20.12
C LEU A 94 11.68 -9.66 -21.29
N LYS A 95 13.01 -9.72 -21.15
CA LYS A 95 13.86 -10.21 -22.24
C LYS A 95 13.52 -11.65 -22.59
N ALA A 96 13.20 -12.47 -21.60
CA ALA A 96 12.80 -13.84 -21.88
C ALA A 96 11.54 -13.91 -22.74
N ARG A 97 10.80 -12.81 -22.86
CA ARG A 97 9.58 -12.77 -23.67
C ARG A 97 9.79 -11.97 -24.95
N GLY A 98 11.05 -11.68 -25.31
CA GLY A 98 11.37 -11.01 -26.56
C GLY A 98 11.41 -9.50 -26.48
N VAL A 99 11.30 -8.93 -25.29
CA VAL A 99 11.28 -7.48 -25.14
C VAL A 99 12.71 -6.95 -25.12
N ASN A 100 12.98 -5.96 -25.98
CA ASN A 100 14.25 -5.25 -25.96
C ASN A 100 14.24 -4.22 -24.82
N CYS A 101 15.10 -4.40 -23.83
CA CYS A 101 15.16 -3.50 -22.68
C CYS A 101 16.42 -2.64 -22.68
N ASP A 102 17.12 -2.56 -23.81
CA ASP A 102 18.37 -1.81 -23.86
C ASP A 102 18.16 -0.35 -23.49
N HIS A 103 16.97 0.20 -23.77
CA HIS A 103 16.76 1.62 -23.57
C HIS A 103 15.91 1.94 -22.34
N VAL A 104 15.91 1.03 -21.36
CA VAL A 104 15.42 1.36 -20.04
C VAL A 104 16.49 2.17 -19.31
N LEU A 105 16.14 3.37 -18.88
CA LEU A 105 17.03 4.18 -18.05
C LEU A 105 17.02 3.66 -16.62
N ILE A 106 18.21 3.37 -16.09
CA ILE A 106 18.35 2.89 -14.72
C ILE A 106 18.86 4.04 -13.87
N SER A 107 18.04 4.46 -12.91
CA SER A 107 18.41 5.54 -12.02
C SER A 107 19.58 5.13 -11.15
N GLU A 108 20.45 6.10 -10.85
CA GLU A 108 21.55 5.84 -9.94
C GLU A 108 21.09 5.75 -8.49
N THR A 109 19.98 6.41 -8.15
CA THR A 109 19.56 6.57 -6.77
C THR A 109 18.17 6.05 -6.47
N ALA A 110 17.19 6.28 -7.35
CA ALA A 110 15.79 6.05 -7.03
C ALA A 110 15.38 4.61 -7.33
N HIS A 111 14.41 4.12 -6.55
CA HIS A 111 13.83 2.81 -6.77
C HIS A 111 12.82 2.87 -7.91
N THR A 112 12.56 1.72 -8.50
CA THR A 112 11.47 1.61 -9.45
C THR A 112 10.17 2.09 -8.82
N ALA A 113 9.36 2.80 -9.61
CA ALA A 113 8.05 3.26 -9.19
C ALA A 113 7.24 2.17 -8.52
N ARG A 114 6.29 2.56 -7.66
CA ARG A 114 5.45 1.58 -7.00
C ARG A 114 4.00 1.97 -6.99
N PHE A 115 3.17 1.02 -7.43
CA PHE A 115 1.72 1.14 -7.41
C PHE A 115 1.19 0.25 -6.29
N THR A 116 0.50 0.86 -5.32
CA THR A 116 -0.06 0.16 -4.18
C THR A 116 -1.57 0.30 -4.29
N CYS A 117 -2.27 -0.81 -4.36
CA CYS A 117 -3.67 -0.80 -4.73
C CYS A 117 -4.44 -1.80 -3.89
N THR A 118 -5.55 -1.36 -3.31
CA THR A 118 -6.50 -2.25 -2.64
C THR A 118 -7.78 -2.31 -3.48
N THR A 119 -8.19 -3.51 -3.83
CA THR A 119 -9.37 -3.76 -4.65
C THR A 119 -10.38 -4.57 -3.83
N ASP A 120 -11.64 -4.15 -3.86
CA ASP A 120 -12.69 -4.81 -3.10
C ASP A 120 -13.42 -5.81 -4.02
N VAL A 121 -14.44 -6.47 -3.48
CA VAL A 121 -15.08 -7.55 -4.23
C VAL A 121 -15.89 -7.05 -5.42
N ASP A 122 -16.24 -5.78 -5.45
CA ASP A 122 -16.92 -5.18 -6.58
C ASP A 122 -15.96 -4.44 -7.50
N MET A 123 -14.66 -4.69 -7.37
CA MET A 123 -13.61 -4.12 -8.23
C MET A 123 -13.41 -2.65 -8.00
N ALA A 124 -13.92 -2.09 -6.91
CA ALA A 124 -13.57 -0.73 -6.53
C ALA A 124 -12.13 -0.70 -6.01
N GLN A 125 -11.49 0.47 -6.14
CA GLN A 125 -10.06 0.54 -5.81
C GLN A 125 -9.72 1.78 -5.01
N ILE A 126 -8.77 1.60 -4.09
CA ILE A 126 -8.11 2.71 -3.41
C ILE A 126 -6.62 2.48 -3.56
N ALA A 127 -5.93 3.42 -4.21
CA ALA A 127 -4.54 3.19 -4.60
C ALA A 127 -3.71 4.45 -4.46
N SER A 128 -2.41 4.24 -4.31
CA SER A 128 -1.40 5.30 -4.32
C SER A 128 -0.26 4.92 -5.25
N PHE A 129 0.29 5.91 -5.96
CA PHE A 129 1.38 5.67 -6.88
C PHE A 129 2.57 6.54 -6.51
N TYR A 130 3.72 5.92 -6.30
CA TYR A 130 4.97 6.60 -5.96
C TYR A 130 5.89 6.57 -7.18
N PRO A 131 6.19 7.69 -7.80
CA PRO A 131 6.93 7.65 -9.08
C PRO A 131 8.36 7.13 -8.98
N GLY A 132 9.09 7.60 -7.98
CA GLY A 132 10.49 7.25 -7.86
C GLY A 132 11.23 7.48 -9.15
N ALA A 133 11.92 6.43 -9.60
CA ALA A 133 12.74 6.51 -10.80
C ALA A 133 11.96 6.97 -12.02
N MET A 134 10.63 6.85 -11.99
CA MET A 134 9.85 7.21 -13.16
C MET A 134 10.09 8.65 -13.59
N SER A 135 10.35 9.54 -12.62
CA SER A 135 10.57 10.95 -12.99
C SER A 135 11.75 11.10 -13.94
N GLU A 136 12.75 10.26 -13.80
CA GLU A 136 13.93 10.36 -14.63
C GLU A 136 13.66 9.97 -16.08
N ALA A 137 12.46 9.44 -16.37
CA ALA A 137 12.10 9.20 -17.76
C ALA A 137 12.20 10.46 -18.59
N ARG A 138 12.10 11.64 -17.95
CA ARG A 138 12.22 12.87 -18.74
C ARG A 138 13.62 13.07 -19.34
N ASN A 139 14.59 12.27 -18.95
CA ASN A 139 15.94 12.35 -19.49
C ASN A 139 16.17 11.39 -20.65
N ILE A 140 15.15 10.62 -21.07
CA ILE A 140 15.28 9.68 -22.17
C ILE A 140 15.03 10.41 -23.48
N LYS A 141 15.95 10.26 -24.42
CA LYS A 141 15.81 10.88 -25.73
C LYS A 141 15.46 9.80 -26.75
N LEU A 142 14.33 9.96 -27.41
CA LEU A 142 13.93 8.99 -28.43
C LEU A 142 14.90 9.00 -29.61
N ALA A 143 15.66 10.08 -29.81
CA ALA A 143 16.65 10.10 -30.88
C ALA A 143 17.70 9.00 -30.67
N ASP A 144 18.14 8.79 -29.43
CA ASP A 144 19.09 7.71 -29.18
C ASP A 144 18.47 6.35 -29.43
N VAL A 145 17.20 6.19 -29.01
CA VAL A 145 16.51 4.92 -29.26
C VAL A 145 16.48 4.63 -30.75
N VAL A 146 16.06 5.63 -31.55
CA VAL A 146 15.98 5.45 -32.99
C VAL A 146 17.36 5.11 -33.57
N SER A 147 18.37 5.87 -33.17
CA SER A 147 19.73 5.58 -33.64
C SER A 147 20.10 4.13 -33.37
N ALA A 148 19.57 3.56 -32.29
CA ALA A 148 19.93 2.19 -31.94
C ALA A 148 19.12 1.15 -32.69
N ILE A 149 17.80 1.36 -32.80
CA ILE A 149 16.92 0.33 -33.33
C ILE A 149 16.24 0.75 -34.63
N GLY A 150 16.50 1.96 -35.11
CA GLY A 150 15.86 2.44 -36.31
C GLY A 150 14.53 3.09 -36.04
N LYS A 151 13.92 3.58 -37.11
CA LYS A 151 12.66 4.28 -37.04
C LYS A 151 11.55 3.28 -36.74
N PRO A 152 10.92 3.30 -35.56
CA PRO A 152 9.88 2.31 -35.26
C PRO A 152 8.62 2.60 -36.04
N GLU A 153 7.81 1.55 -36.21
CA GLU A 153 6.51 1.73 -36.84
C GLU A 153 5.59 2.55 -35.94
N LEU A 154 5.78 2.51 -34.62
CA LEU A 154 4.89 3.22 -33.70
C LEU A 154 5.57 3.42 -32.35
N VAL A 155 5.31 4.58 -31.74
CA VAL A 155 5.74 4.89 -30.38
C VAL A 155 4.49 5.07 -29.53
N ILE A 156 4.34 4.25 -28.50
CA ILE A 156 3.20 4.38 -27.59
C ILE A 156 3.60 5.36 -26.50
N ILE A 157 2.85 6.46 -26.36
CA ILE A 157 3.08 7.47 -25.33
C ILE A 157 2.07 7.17 -24.22
N GLY A 158 2.46 6.25 -23.32
CA GLY A 158 1.60 5.89 -22.21
C GLY A 158 1.84 6.75 -20.96
N ALA A 159 0.98 6.52 -19.95
CA ALA A 159 1.13 7.25 -18.67
C ALA A 159 2.55 7.11 -18.14
N ASN A 160 3.15 8.23 -17.75
CA ASN A 160 4.57 8.31 -17.48
C ASN A 160 4.79 9.55 -16.61
N ASP A 161 6.04 9.84 -16.34
CA ASP A 161 6.38 11.20 -15.92
C ASP A 161 5.76 12.19 -16.91
N PRO A 162 4.94 13.14 -16.46
CA PRO A 162 4.26 14.02 -17.44
C PRO A 162 5.21 14.75 -18.38
N GLU A 163 6.30 15.29 -17.85
CA GLU A 163 7.26 16.00 -18.69
C GLU A 163 7.83 15.06 -19.74
N ALA A 164 8.13 13.82 -19.35
CA ALA A 164 8.59 12.82 -20.32
C ALA A 164 7.55 12.59 -21.41
N MET A 165 6.26 12.56 -21.04
CA MET A 165 5.21 12.37 -22.03
C MET A 165 5.27 13.49 -23.07
N PHE A 166 5.39 14.74 -22.60
CA PHE A 166 5.45 15.87 -23.52
C PHE A 166 6.70 15.83 -24.38
N LEU A 167 7.84 15.52 -23.77
CA LEU A 167 9.09 15.50 -24.52
C LEU A 167 9.07 14.38 -25.57
N HIS A 168 8.59 13.18 -25.19
CA HIS A 168 8.49 12.08 -26.13
C HIS A 168 7.57 12.43 -27.30
N THR A 169 6.40 13.02 -27.00
CA THR A 169 5.45 13.34 -28.06
C THR A 169 6.06 14.35 -29.02
N GLU A 170 6.69 15.41 -28.49
CA GLU A 170 7.26 16.43 -29.36
C GLU A 170 8.43 15.87 -30.15
N GLU A 171 9.22 14.96 -29.58
CA GLU A 171 10.31 14.33 -30.32
C GLU A 171 9.77 13.44 -31.43
N CYS A 172 8.63 12.76 -31.18
CA CYS A 172 8.00 11.98 -32.24
C CYS A 172 7.57 12.89 -33.38
N ARG A 173 6.91 14.01 -33.06
CA ARG A 173 6.50 14.95 -34.09
C ARG A 173 7.69 15.49 -34.87
N LYS A 174 8.80 15.80 -34.19
CA LYS A 174 9.92 16.42 -34.87
C LYS A 174 10.66 15.40 -35.74
N LEU A 175 10.76 14.15 -35.26
CA LEU A 175 11.43 13.08 -35.98
C LEU A 175 10.52 12.33 -36.94
N GLY A 176 9.26 12.75 -37.05
CA GLY A 176 8.34 12.06 -37.95
C GLY A 176 7.93 10.67 -37.53
N LEU A 177 7.91 10.38 -36.24
CA LEU A 177 7.51 9.06 -35.76
C LEU A 177 6.00 9.05 -35.51
N ALA A 178 5.33 8.02 -36.04
CA ALA A 178 3.94 7.79 -35.69
C ALA A 178 3.86 7.45 -34.20
N PHE A 179 2.90 8.05 -33.51
CA PHE A 179 2.76 7.81 -32.07
C PHE A 179 1.29 7.58 -31.73
N ALA A 180 1.08 6.82 -30.66
CA ALA A 180 -0.23 6.58 -30.09
C ALA A 180 -0.31 7.35 -28.78
N ALA A 181 -1.26 8.27 -28.69
CA ALA A 181 -1.51 9.00 -27.46
C ALA A 181 -2.34 8.11 -26.55
N ASP A 182 -1.76 7.67 -25.43
CA ASP A 182 -2.42 6.78 -24.48
C ASP A 182 -2.21 7.32 -23.07
N PRO A 183 -2.64 8.55 -22.82
CA PRO A 183 -2.30 9.21 -21.54
C PRO A 183 -3.04 8.63 -20.34
N SER A 184 -4.19 7.97 -20.55
CA SER A 184 -4.96 7.27 -19.54
C SER A 184 -4.99 8.04 -18.23
N GLN A 185 -4.40 7.48 -17.18
CA GLN A 185 -4.57 8.05 -15.84
C GLN A 185 -4.18 9.52 -15.80
N GLN A 186 -3.22 9.95 -16.60
CA GLN A 186 -2.83 11.35 -16.60
C GLN A 186 -3.95 12.26 -17.11
N LEU A 187 -4.97 11.71 -17.78
CA LEU A 187 -6.10 12.53 -18.17
C LEU A 187 -6.83 13.10 -16.96
N ALA A 188 -6.75 12.42 -15.83
CA ALA A 188 -7.39 12.92 -14.62
C ALA A 188 -6.63 14.08 -14.02
N ARG A 189 -5.35 14.25 -14.39
CA ARG A 189 -4.46 15.17 -13.71
C ARG A 189 -3.97 16.33 -14.56
N LEU A 190 -3.88 16.17 -15.88
CA LEU A 190 -3.32 17.21 -16.72
C LEU A 190 -4.39 18.26 -17.07
N SER A 191 -3.90 19.42 -17.48
CA SER A 191 -4.80 20.47 -17.97
C SER A 191 -5.21 20.20 -19.41
N GLY A 192 -6.25 20.91 -19.85
CA GLY A 192 -6.70 20.80 -21.23
C GLY A 192 -5.63 21.14 -22.24
N GLU A 193 -4.85 22.18 -21.96
CA GLU A 193 -3.74 22.55 -22.84
C GLU A 193 -2.75 21.40 -22.98
N GLU A 194 -2.34 20.83 -21.84
CA GLU A 194 -1.40 19.72 -21.84
C GLU A 194 -1.93 18.53 -22.62
N ILE A 195 -3.21 18.21 -22.44
CA ILE A 195 -3.80 17.08 -23.17
C ILE A 195 -3.78 17.37 -24.67
N ARG A 196 -4.24 18.57 -25.07
CA ARG A 196 -4.18 18.94 -26.47
C ARG A 196 -2.77 18.77 -27.04
N ARG A 197 -1.77 19.11 -26.24
CA ARG A 197 -0.38 18.96 -26.68
C ARG A 197 0.01 17.48 -26.82
N LEU A 198 -0.64 16.59 -26.07
CA LEU A 198 -0.36 15.16 -26.21
C LEU A 198 -1.08 14.53 -27.40
N VAL A 199 -2.19 15.11 -27.83
CA VAL A 199 -3.03 14.48 -28.85
C VAL A 199 -2.67 14.91 -30.27
N ASN A 200 -2.24 16.15 -30.46
CA ASN A 200 -2.05 16.69 -31.80
C ASN A 200 -1.13 15.80 -32.62
N GLY A 201 -1.63 15.35 -33.77
CA GLY A 201 -0.84 14.57 -34.71
C GLY A 201 -0.76 13.10 -34.42
N ALA A 202 -1.50 12.60 -33.45
CA ALA A 202 -1.38 11.21 -33.08
C ALA A 202 -1.87 10.29 -34.20
N ALA A 203 -1.15 9.21 -34.45
CA ALA A 203 -1.69 8.15 -35.30
C ALA A 203 -2.89 7.49 -34.64
N TYR A 204 -2.83 7.28 -33.33
CA TYR A 204 -3.92 6.67 -32.58
C TYR A 204 -4.18 7.50 -31.33
N LEU A 205 -5.46 7.60 -30.95
CA LEU A 205 -5.84 8.04 -29.62
C LEU A 205 -6.56 6.88 -28.96
N PHE A 206 -6.03 6.40 -27.84
CA PHE A 206 -6.67 5.35 -27.06
C PHE A 206 -7.21 5.95 -25.78
N THR A 207 -8.49 5.74 -25.51
CA THR A 207 -9.09 6.06 -24.23
C THR A 207 -10.24 5.10 -23.97
N ASN A 208 -10.75 5.10 -22.73
CA ASN A 208 -12.08 4.53 -22.50
C ASN A 208 -13.10 5.65 -22.62
N ASP A 209 -14.39 5.28 -22.58
CA ASP A 209 -15.43 6.24 -22.89
C ASP A 209 -15.46 7.39 -21.89
N TYR A 210 -15.28 7.07 -20.60
CA TYR A 210 -15.20 8.11 -19.58
C TYR A 210 -14.02 9.02 -19.84
N GLU A 211 -12.85 8.44 -20.10
CA GLU A 211 -11.67 9.25 -20.42
C GLU A 211 -11.89 10.09 -21.68
N TRP A 212 -12.67 9.60 -22.64
CA TRP A 212 -12.99 10.36 -23.84
C TRP A 212 -13.81 11.60 -23.50
N ASP A 213 -14.87 11.42 -22.72
CA ASP A 213 -15.65 12.58 -22.26
C ASP A 213 -14.78 13.55 -21.47
N LEU A 214 -13.92 13.03 -20.60
CA LEU A 214 -13.05 13.90 -19.81
C LEU A 214 -12.11 14.70 -20.71
N LEU A 215 -11.52 14.03 -21.70
CA LEU A 215 -10.64 14.70 -22.66
C LEU A 215 -11.38 15.82 -23.38
N LEU A 216 -12.58 15.51 -23.91
CA LEU A 216 -13.34 16.53 -24.63
C LEU A 216 -13.66 17.71 -23.72
N SER A 217 -14.08 17.43 -22.48
CA SER A 217 -14.42 18.52 -21.57
C SER A 217 -13.21 19.40 -21.28
N LYS A 218 -12.08 18.80 -20.91
CA LYS A 218 -10.94 19.60 -20.49
C LYS A 218 -10.28 20.32 -21.65
N THR A 219 -10.22 19.69 -22.84
CA THR A 219 -9.57 20.34 -23.96
C THR A 219 -10.42 21.45 -24.57
N GLY A 220 -11.73 21.44 -24.34
CA GLY A 220 -12.62 22.32 -25.06
C GLY A 220 -12.85 21.92 -26.50
N TRP A 221 -12.37 20.74 -26.87
CA TRP A 221 -12.53 20.25 -28.23
C TRP A 221 -13.88 19.56 -28.40
N SER A 222 -14.40 19.63 -29.62
CA SER A 222 -15.46 18.75 -30.05
C SER A 222 -14.85 17.48 -30.63
N GLU A 223 -15.69 16.49 -30.87
CA GLU A 223 -15.22 15.26 -31.48
C GLU A 223 -14.57 15.54 -32.83
N ALA A 224 -15.21 16.38 -33.66
CA ALA A 224 -14.64 16.70 -34.96
C ALA A 224 -13.28 17.38 -34.83
N ASP A 225 -13.13 18.22 -33.81
CA ASP A 225 -11.83 18.84 -33.57
C ASP A 225 -10.76 17.78 -33.32
N VAL A 226 -11.09 16.75 -32.54
CA VAL A 226 -10.13 15.69 -32.25
C VAL A 226 -9.82 14.91 -33.53
N MET A 227 -10.86 14.50 -34.25
CA MET A 227 -10.66 13.67 -35.42
C MET A 227 -9.87 14.40 -36.51
N ALA A 228 -9.83 15.75 -36.46
CA ALA A 228 -8.99 16.49 -37.38
C ALA A 228 -7.51 16.41 -37.00
N GLN A 229 -7.19 15.99 -35.78
CA GLN A 229 -5.82 15.94 -35.30
C GLN A 229 -5.21 14.56 -35.35
N ILE A 230 -6.01 13.50 -35.51
CA ILE A 230 -5.55 12.13 -35.34
C ILE A 230 -6.03 11.28 -36.49
N ASP A 231 -5.37 10.13 -36.67
CA ASP A 231 -5.73 9.21 -37.75
C ASP A 231 -6.74 8.15 -37.33
N LEU A 232 -6.78 7.75 -36.06
CA LEU A 232 -7.78 6.77 -35.62
C LEU A 232 -8.05 6.95 -34.13
N ARG A 233 -9.33 6.96 -33.77
CA ARG A 233 -9.75 6.97 -32.38
C ARG A 233 -10.17 5.57 -31.99
N VAL A 234 -9.62 5.07 -30.88
CA VAL A 234 -10.04 3.81 -30.28
C VAL A 234 -10.58 4.11 -28.89
N THR A 235 -11.87 3.86 -28.71
CA THR A 235 -12.57 4.15 -27.47
C THR A 235 -13.12 2.83 -26.95
N THR A 236 -12.54 2.34 -25.86
CA THR A 236 -13.02 1.12 -25.22
C THR A 236 -14.28 1.44 -24.43
N LEU A 237 -15.21 0.49 -24.41
CA LEU A 237 -16.52 0.65 -23.80
C LEU A 237 -16.79 -0.46 -22.79
N GLY A 238 -15.74 -1.04 -22.20
CA GLY A 238 -15.92 -2.12 -21.25
C GLY A 238 -16.73 -3.27 -21.83
N PRO A 239 -17.74 -3.74 -21.08
CA PRO A 239 -18.57 -4.84 -21.58
C PRO A 239 -19.33 -4.52 -22.83
N LYS A 240 -19.41 -3.25 -23.22
CA LYS A 240 -20.07 -2.87 -24.46
C LYS A 240 -19.12 -2.94 -25.66
N GLY A 241 -17.89 -3.38 -25.46
CA GLY A 241 -16.97 -3.57 -26.58
C GLY A 241 -16.04 -2.41 -26.82
N VAL A 242 -15.77 -2.09 -28.08
CA VAL A 242 -14.81 -1.05 -28.44
C VAL A 242 -15.19 -0.47 -29.79
N ASP A 243 -15.10 0.86 -29.89
CA ASP A 243 -15.32 1.57 -31.13
C ASP A 243 -13.97 1.97 -31.71
N LEU A 244 -13.82 1.80 -33.03
CA LEU A 244 -12.64 2.22 -33.78
C LEU A 244 -13.15 3.14 -34.89
N VAL A 245 -12.77 4.41 -34.81
CA VAL A 245 -13.43 5.48 -35.57
C VAL A 245 -12.39 6.22 -36.39
N GLU A 246 -12.61 6.28 -37.70
CA GLU A 246 -11.78 7.06 -38.60
C GLU A 246 -12.27 8.50 -38.65
N PRO A 247 -11.42 9.42 -39.11
CA PRO A 247 -11.83 10.84 -39.13
C PRO A 247 -13.08 11.10 -39.94
N ASP A 248 -13.34 10.32 -40.98
CA ASP A 248 -14.56 10.49 -41.78
C ASP A 248 -15.79 9.87 -41.13
N GLY A 249 -15.69 9.44 -39.87
CA GLY A 249 -16.81 8.84 -39.18
C GLY A 249 -16.99 7.36 -39.39
N THR A 250 -16.23 6.73 -40.28
CA THR A 250 -16.33 5.29 -40.47
C THR A 250 -16.01 4.61 -39.14
N THR A 251 -16.93 3.74 -38.69
CA THR A 251 -16.85 3.13 -37.39
C THR A 251 -16.88 1.61 -37.51
N ILE A 252 -15.93 0.96 -36.86
CA ILE A 252 -15.93 -0.49 -36.65
C ILE A 252 -16.16 -0.72 -35.16
N HIS A 253 -17.17 -1.52 -34.84
CA HIS A 253 -17.45 -1.86 -33.46
C HIS A 253 -17.19 -3.34 -33.23
N VAL A 254 -16.55 -3.67 -32.10
CA VAL A 254 -16.27 -5.05 -31.75
C VAL A 254 -16.78 -5.31 -30.34
N GLY A 255 -17.49 -6.41 -30.15
CA GLY A 255 -17.93 -6.85 -28.85
C GLY A 255 -16.82 -7.56 -28.10
N VAL A 256 -17.12 -7.90 -26.85
CA VAL A 256 -16.11 -8.42 -25.94
C VAL A 256 -16.10 -9.94 -25.97
N VAL A 257 -15.01 -10.51 -25.48
CA VAL A 257 -14.90 -11.93 -25.14
C VAL A 257 -15.47 -12.09 -23.75
N PRO A 258 -16.46 -12.96 -23.53
CA PRO A 258 -17.05 -13.10 -22.19
C PRO A 258 -16.02 -13.62 -21.21
N GLU A 259 -15.95 -12.98 -20.04
CA GLU A 259 -15.00 -13.38 -19.02
C GLU A 259 -15.52 -14.57 -18.23
N THR A 260 -14.59 -15.36 -17.71
CA THR A 260 -14.93 -16.44 -16.79
C THR A 260 -14.88 -15.99 -15.34
N SER A 261 -14.35 -14.81 -15.07
CA SER A 261 -14.28 -14.27 -13.71
C SER A 261 -13.87 -12.81 -13.81
N GLN A 262 -14.23 -12.05 -12.80
CA GLN A 262 -13.81 -10.66 -12.68
C GLN A 262 -12.92 -10.60 -11.45
N THR A 263 -11.62 -10.79 -11.67
CA THR A 263 -10.65 -10.86 -10.59
C THR A 263 -10.01 -9.53 -10.27
N ASP A 264 -9.52 -8.79 -11.28
CA ASP A 264 -8.79 -7.56 -11.04
C ASP A 264 -8.69 -6.74 -12.31
N PRO A 265 -9.28 -5.54 -12.36
CA PRO A 265 -9.27 -4.77 -13.59
C PRO A 265 -7.98 -4.03 -13.90
N THR A 266 -6.97 -4.14 -13.05
CA THR A 266 -5.74 -3.38 -13.26
C THR A 266 -5.04 -3.91 -14.51
N GLY A 267 -4.69 -3.00 -15.42
CA GLY A 267 -3.95 -3.38 -16.62
C GLY A 267 -4.79 -3.95 -17.74
N VAL A 268 -6.12 -3.97 -17.61
CA VAL A 268 -6.96 -4.48 -18.69
C VAL A 268 -6.85 -3.60 -19.93
N GLY A 269 -6.88 -2.29 -19.75
CA GLY A 269 -6.71 -1.39 -20.88
C GLY A 269 -5.35 -1.55 -21.55
N ASP A 270 -4.29 -1.60 -20.74
CA ASP A 270 -2.95 -1.81 -21.31
C ASP A 270 -2.98 -3.03 -22.21
N ALA A 271 -3.60 -4.11 -21.75
CA ALA A 271 -3.60 -5.38 -22.47
C ALA A 271 -4.39 -5.28 -23.76
N PHE A 272 -5.54 -4.59 -23.73
CA PHE A 272 -6.26 -4.37 -24.96
C PHE A 272 -5.39 -3.63 -25.98
N ARG A 273 -4.74 -2.56 -25.54
CA ARG A 273 -3.94 -1.76 -26.45
C ARG A 273 -2.81 -2.58 -27.03
N ALA A 274 -2.16 -3.38 -26.18
CA ALA A 274 -1.04 -4.20 -26.66
C ALA A 274 -1.52 -5.24 -27.68
N GLY A 275 -2.63 -5.91 -27.38
CA GLY A 275 -3.14 -6.92 -28.29
C GLY A 275 -3.58 -6.33 -29.61
N PHE A 276 -4.30 -5.20 -29.56
CA PHE A 276 -4.73 -4.52 -30.76
C PHE A 276 -3.54 -4.09 -31.62
N LEU A 277 -2.54 -3.48 -31.00
CA LEU A 277 -1.42 -2.97 -31.77
C LEU A 277 -0.54 -4.08 -32.29
N THR A 278 -0.42 -5.19 -31.56
CA THR A 278 0.30 -6.34 -32.08
C THR A 278 -0.45 -6.91 -33.29
N GLY A 279 -1.75 -7.06 -33.17
CA GLY A 279 -2.51 -7.55 -34.31
C GLY A 279 -2.31 -6.68 -35.54
N ARG A 280 -2.38 -5.37 -35.35
CA ARG A 280 -2.16 -4.44 -36.46
C ARG A 280 -0.75 -4.58 -37.02
N SER A 281 0.26 -4.71 -36.16
CA SER A 281 1.63 -4.87 -36.64
C SER A 281 1.80 -6.17 -37.41
N ALA A 282 1.06 -7.22 -37.02
CA ALA A 282 1.11 -8.50 -37.69
C ALA A 282 0.28 -8.52 -38.97
N GLY A 283 -0.41 -7.44 -39.30
CA GLY A 283 -1.17 -7.39 -40.54
C GLY A 283 -2.66 -7.65 -40.41
N LEU A 284 -3.18 -7.84 -39.19
CA LEU A 284 -4.61 -8.04 -39.05
C LEU A 284 -5.31 -6.70 -39.29
N GLY A 285 -6.55 -6.79 -39.74
CA GLY A 285 -7.40 -5.63 -39.89
C GLY A 285 -7.81 -5.06 -38.54
N LEU A 286 -8.58 -3.97 -38.60
CA LEU A 286 -8.99 -3.28 -37.38
C LEU A 286 -9.87 -4.19 -36.51
N GLU A 287 -10.84 -4.85 -37.13
CA GLU A 287 -11.77 -5.70 -36.40
C GLU A 287 -11.06 -6.90 -35.77
N ARG A 288 -10.26 -7.62 -36.56
CA ARG A 288 -9.56 -8.78 -36.02
C ARG A 288 -8.58 -8.35 -34.93
N SER A 289 -7.89 -7.23 -35.13
CA SER A 289 -6.97 -6.72 -34.12
C SER A 289 -7.68 -6.38 -32.81
N ALA A 290 -8.86 -5.75 -32.91
CA ALA A 290 -9.65 -5.45 -31.71
C ALA A 290 -10.16 -6.72 -31.04
N GLN A 291 -10.46 -7.75 -31.82
CA GLN A 291 -10.86 -9.04 -31.25
C GLN A 291 -9.73 -9.67 -30.45
N LEU A 292 -8.51 -9.63 -31.01
CA LEU A 292 -7.34 -10.09 -30.27
C LEU A 292 -7.14 -9.28 -29.00
N GLY A 293 -7.21 -7.95 -29.11
CA GLY A 293 -7.07 -7.11 -27.93
C GLY A 293 -8.09 -7.44 -26.86
N SER A 294 -9.34 -7.70 -27.27
CA SER A 294 -10.39 -8.05 -26.31
C SER A 294 -10.07 -9.36 -25.60
N LEU A 295 -9.53 -10.32 -26.32
CA LEU A 295 -9.11 -11.56 -25.65
C LEU A 295 -8.04 -11.27 -24.59
N VAL A 296 -6.98 -10.56 -24.97
CA VAL A 296 -5.89 -10.34 -24.02
C VAL A 296 -6.41 -9.57 -22.81
N ALA A 297 -7.31 -8.60 -23.05
CA ALA A 297 -7.90 -7.81 -21.99
C ALA A 297 -8.63 -8.69 -21.00
N VAL A 298 -9.45 -9.63 -21.48
CA VAL A 298 -10.20 -10.48 -20.56
C VAL A 298 -9.26 -11.44 -19.82
N LEU A 299 -8.17 -11.87 -20.47
CA LEU A 299 -7.21 -12.71 -19.76
C LEU A 299 -6.59 -11.96 -18.59
N VAL A 300 -6.34 -10.66 -18.75
CA VAL A 300 -5.83 -9.89 -17.62
C VAL A 300 -6.92 -9.67 -16.58
N LEU A 301 -8.15 -9.42 -17.01
CA LEU A 301 -9.23 -9.24 -16.04
C LEU A 301 -9.39 -10.45 -15.14
N GLU A 302 -9.13 -11.64 -15.65
CA GLU A 302 -9.38 -12.88 -14.94
C GLU A 302 -8.22 -13.33 -14.07
N SER A 303 -7.16 -12.54 -13.99
CA SER A 303 -5.98 -12.95 -13.24
C SER A 303 -5.55 -11.84 -12.29
N THR A 304 -4.83 -12.25 -11.24
CA THR A 304 -4.24 -11.29 -10.33
C THR A 304 -2.93 -10.77 -10.90
N GLY A 305 -2.79 -9.48 -10.97
CA GLY A 305 -1.65 -8.87 -11.61
C GLY A 305 -1.90 -8.60 -13.09
N THR A 306 -0.97 -7.85 -13.68
CA THR A 306 -1.10 -7.39 -15.06
C THR A 306 -0.37 -8.26 -16.07
N GLN A 307 0.60 -9.07 -15.63
CA GLN A 307 1.43 -9.86 -16.52
C GLN A 307 1.45 -11.32 -16.11
N GLU A 308 0.38 -11.77 -15.44
CA GLU A 308 0.33 -13.12 -14.89
C GLU A 308 -0.52 -14.06 -15.75
N TRP A 309 -1.04 -13.59 -16.86
CA TRP A 309 -1.84 -14.41 -17.76
C TRP A 309 -0.92 -15.26 -18.61
N GLN A 310 -1.51 -16.30 -19.22
CA GLN A 310 -0.81 -17.27 -20.04
C GLN A 310 -1.36 -17.25 -21.46
N TRP A 311 -0.48 -17.35 -22.42
CA TRP A 311 -0.86 -17.33 -23.82
C TRP A 311 -0.79 -18.76 -24.35
N ASP A 312 -1.93 -19.30 -24.73
CA ASP A 312 -2.02 -20.65 -25.28
C ASP A 312 -2.92 -20.62 -26.49
N TYR A 313 -2.36 -20.95 -27.65
CA TYR A 313 -3.09 -20.80 -28.91
C TYR A 313 -4.42 -21.51 -28.87
N GLU A 314 -4.50 -22.69 -28.23
CA GLU A 314 -5.72 -23.48 -28.32
C GLU A 314 -6.84 -22.93 -27.44
N ALA A 315 -6.54 -22.60 -26.18
CA ALA A 315 -7.54 -21.94 -25.34
C ALA A 315 -7.96 -20.60 -25.93
N ALA A 316 -6.97 -19.83 -26.42
CA ALA A 316 -7.28 -18.56 -27.05
C ALA A 316 -8.21 -18.75 -28.23
N ALA A 317 -7.90 -19.72 -29.10
CA ALA A 317 -8.71 -19.95 -30.27
C ALA A 317 -10.14 -20.33 -29.88
N SER A 318 -10.30 -21.23 -28.90
CA SER A 318 -11.65 -21.61 -28.48
C SER A 318 -12.43 -20.40 -28.00
N ARG A 319 -11.81 -19.51 -27.20
CA ARG A 319 -12.58 -18.38 -26.71
C ARG A 319 -12.88 -17.38 -27.83
N LEU A 320 -11.91 -17.16 -28.71
CA LEU A 320 -12.16 -16.29 -29.86
C LEU A 320 -13.26 -16.84 -30.75
N ALA A 321 -13.24 -18.16 -30.99
CA ALA A 321 -14.28 -18.76 -31.81
C ALA A 321 -15.66 -18.60 -31.18
N GLY A 322 -15.76 -18.84 -29.86
CA GLY A 322 -17.03 -18.64 -29.20
C GLY A 322 -17.54 -17.21 -29.30
N ALA A 323 -16.64 -16.23 -29.22
CA ALA A 323 -17.13 -14.85 -29.22
C ALA A 323 -17.35 -14.30 -30.64
N TYR A 324 -16.49 -14.67 -31.57
CA TYR A 324 -16.45 -14.01 -32.86
C TYR A 324 -16.56 -14.97 -34.04
N GLY A 325 -16.60 -16.27 -33.80
CA GLY A 325 -16.69 -17.24 -34.86
C GLY A 325 -15.36 -17.91 -35.15
N GLU A 326 -15.44 -19.17 -35.61
CA GLU A 326 -14.25 -19.97 -35.86
C GLU A 326 -13.35 -19.33 -36.92
N HIS A 327 -13.94 -18.69 -37.92
CA HIS A 327 -13.14 -18.05 -38.97
C HIS A 327 -12.24 -16.96 -38.38
N ALA A 328 -12.78 -16.14 -37.48
CA ALA A 328 -11.98 -15.08 -36.88
C ALA A 328 -10.88 -15.64 -35.99
N ALA A 329 -11.21 -16.65 -35.17
CA ALA A 329 -10.20 -17.27 -34.33
C ALA A 329 -9.08 -17.84 -35.16
N ALA A 330 -9.44 -18.52 -36.27
CA ALA A 330 -8.44 -19.14 -37.13
C ALA A 330 -7.57 -18.08 -37.80
N GLU A 331 -8.17 -16.99 -38.27
CA GLU A 331 -7.39 -15.94 -38.89
C GLU A 331 -6.40 -15.34 -37.89
N ILE A 332 -6.83 -15.13 -36.64
CA ILE A 332 -5.94 -14.55 -35.65
C ILE A 332 -4.80 -15.51 -35.33
N VAL A 333 -5.12 -16.77 -35.06
CA VAL A 333 -4.06 -17.71 -34.70
C VAL A 333 -3.11 -17.95 -35.87
N ALA A 334 -3.64 -17.97 -37.10
CA ALA A 334 -2.78 -18.22 -38.25
C ALA A 334 -1.74 -17.13 -38.42
N VAL A 335 -2.12 -15.89 -38.11
CA VAL A 335 -1.17 -14.79 -38.25
C VAL A 335 -0.16 -14.77 -37.11
N LEU A 336 -0.55 -15.15 -35.91
CA LEU A 336 0.37 -15.07 -34.78
C LEU A 336 1.26 -16.30 -34.64
N ALA A 337 0.84 -17.45 -35.14
CA ALA A 337 1.65 -18.65 -35.08
C ALA A 337 2.48 -18.80 -36.35
N GLY B 1 26.10 -2.17 47.04
CA GLY B 1 26.55 -2.62 48.39
C GLY B 1 25.41 -3.10 49.27
N LEU B 2 24.23 -2.50 49.10
CA LEU B 2 23.08 -2.83 49.94
C LEU B 2 22.04 -3.66 49.21
N GLN B 3 22.36 -4.15 48.01
CA GLN B 3 21.44 -4.99 47.27
C GLN B 3 21.50 -6.42 47.78
N GLY B 4 20.33 -7.03 47.98
CA GLY B 4 20.27 -8.45 48.22
C GLY B 4 20.45 -9.20 46.92
N THR B 5 21.57 -9.90 46.77
CA THR B 5 21.93 -10.49 45.47
C THR B 5 20.92 -11.57 45.04
N GLU B 6 20.52 -12.42 45.99
CA GLU B 6 19.62 -13.51 45.65
C GLU B 6 18.26 -12.97 45.23
N ASN B 7 17.68 -12.08 46.02
CA ASN B 7 16.34 -11.60 45.74
C ASN B 7 16.31 -10.66 44.52
N LEU B 8 17.34 -9.85 44.35
CA LEU B 8 17.46 -9.05 43.14
C LEU B 8 17.45 -9.95 41.91
N TYR B 9 18.28 -10.98 41.91
CA TYR B 9 18.29 -11.86 40.75
C TYR B 9 16.96 -12.58 40.60
N PHE B 10 16.36 -13.03 41.71
CA PHE B 10 15.06 -13.68 41.63
C PHE B 10 14.06 -12.80 40.88
N GLN B 11 14.06 -11.51 41.17
CA GLN B 11 13.10 -10.62 40.52
C GLN B 11 13.50 -10.19 39.12
N SER B 12 14.79 -10.33 38.76
CA SER B 12 15.23 -9.81 37.47
C SER B 12 14.49 -10.48 36.31
N HIS B 13 13.97 -11.69 36.52
CA HIS B 13 13.30 -12.42 35.46
C HIS B 13 11.86 -11.99 35.24
N MET B 14 11.30 -11.19 36.13
CA MET B 14 9.91 -10.74 36.03
C MET B 14 9.89 -9.61 35.00
N THR B 15 9.62 -10.00 33.75
CA THR B 15 9.66 -9.08 32.63
C THR B 15 8.25 -8.57 32.29
N ILE B 16 8.20 -7.65 31.35
CA ILE B 16 6.96 -7.29 30.68
C ILE B 16 6.94 -8.13 29.42
N ALA B 17 5.86 -8.88 29.22
CA ALA B 17 5.67 -9.63 27.97
C ALA B 17 4.70 -8.84 27.10
N VAL B 18 5.14 -8.49 25.90
CA VAL B 18 4.35 -7.70 24.97
C VAL B 18 3.81 -8.63 23.91
N THR B 19 2.48 -8.79 23.87
CA THR B 19 1.81 -9.53 22.80
C THR B 19 1.09 -8.53 21.90
N GLY B 20 1.11 -8.80 20.61
CA GLY B 20 0.48 -7.93 19.65
C GLY B 20 1.17 -8.10 18.31
N SER B 21 0.82 -7.21 17.38
CA SER B 21 1.31 -7.33 16.02
C SER B 21 2.80 -7.01 15.90
N ILE B 22 3.42 -7.72 14.97
CA ILE B 22 4.77 -7.47 14.48
C ILE B 22 4.64 -7.25 12.98
N ALA B 23 5.21 -6.16 12.47
CA ALA B 23 4.92 -5.77 11.10
C ALA B 23 6.05 -4.97 10.51
N THR B 24 6.00 -4.82 9.19
CA THR B 24 6.70 -3.76 8.48
C THR B 24 5.67 -2.71 8.12
N ASP B 25 6.00 -1.45 8.37
CA ASP B 25 5.12 -0.32 8.09
C ASP B 25 5.61 0.33 6.81
N HIS B 26 4.81 0.27 5.76
CA HIS B 26 5.11 0.91 4.48
C HIS B 26 4.35 2.22 4.46
N LEU B 27 5.05 3.31 4.71
CA LEU B 27 4.45 4.60 4.95
C LEU B 27 4.69 5.54 3.79
N MET B 28 3.63 6.20 3.33
CA MET B 28 3.71 7.11 2.22
C MET B 28 3.06 8.42 2.60
N ARG B 29 3.48 9.48 1.92
CA ARG B 29 2.96 10.81 2.16
C ARG B 29 2.17 11.28 0.95
N PHE B 30 0.96 11.74 1.19
CA PHE B 30 0.13 12.38 0.18
C PHE B 30 0.29 13.89 0.31
N PRO B 31 0.77 14.60 -0.73
CA PRO B 31 1.00 16.06 -0.60
C PRO B 31 -0.30 16.85 -0.81
N GLY B 32 -1.28 16.59 0.04
CA GLY B 32 -2.55 17.26 -0.04
C GLY B 32 -3.33 16.98 1.22
N ARG B 33 -4.62 17.27 1.17
CA ARG B 33 -5.53 17.02 2.28
C ARG B 33 -6.64 16.12 1.80
N PHE B 34 -6.76 14.94 2.40
CA PHE B 34 -7.83 14.01 2.05
C PHE B 34 -9.19 14.64 2.26
N SER B 35 -9.40 15.26 3.43
CA SER B 35 -10.72 15.79 3.77
C SER B 35 -11.17 16.84 2.77
N GLU B 36 -10.25 17.72 2.34
CA GLU B 36 -10.62 18.77 1.40
C GLU B 36 -10.84 18.23 -0.01
N GLN B 37 -9.89 17.44 -0.52
CA GLN B 37 -9.92 17.04 -1.93
C GLN B 37 -10.87 15.88 -2.20
N LEU B 38 -11.10 15.03 -1.20
CA LEU B 38 -12.15 14.02 -1.30
C LEU B 38 -13.53 14.65 -1.13
N LEU B 39 -14.47 14.21 -1.95
CA LEU B 39 -15.84 14.70 -1.97
C LEU B 39 -16.80 13.56 -1.76
N PRO B 40 -18.01 13.84 -1.28
CA PRO B 40 -18.98 12.75 -1.10
C PRO B 40 -19.23 11.94 -2.36
N GLU B 41 -19.15 12.57 -3.54
CA GLU B 41 -19.40 11.85 -4.78
C GLU B 41 -18.35 10.77 -5.05
N HIS B 42 -17.19 10.85 -4.44
CA HIS B 42 -16.15 9.87 -4.68
C HIS B 42 -16.38 8.56 -3.93
N LEU B 43 -17.37 8.50 -3.03
CA LEU B 43 -17.59 7.31 -2.22
C LEU B 43 -18.64 6.35 -2.76
N HIS B 44 -19.35 6.69 -3.83
CA HIS B 44 -20.41 5.78 -4.25
C HIS B 44 -19.94 4.72 -5.23
N LYS B 45 -18.97 5.03 -6.10
CA LYS B 45 -18.25 3.99 -6.87
C LYS B 45 -16.77 4.32 -6.70
N VAL B 46 -16.17 3.78 -5.66
CA VAL B 46 -14.89 4.25 -5.18
C VAL B 46 -13.79 3.87 -6.17
N SER B 47 -13.08 4.88 -6.67
CA SER B 47 -11.89 4.65 -7.50
C SER B 47 -10.95 5.82 -7.23
N LEU B 48 -10.04 5.61 -6.28
CA LEU B 48 -9.08 6.61 -5.85
C LEU B 48 -7.67 6.19 -6.26
N SER B 49 -6.92 7.16 -6.76
CA SER B 49 -5.54 6.95 -7.18
C SER B 49 -4.74 8.18 -6.78
N PHE B 50 -4.07 8.10 -5.63
CA PHE B 50 -3.29 9.22 -5.10
C PHE B 50 -1.85 9.16 -5.62
N LEU B 51 -1.33 10.32 -6.03
CA LEU B 51 0.10 10.48 -6.25
C LEU B 51 0.75 10.81 -4.92
N VAL B 52 1.66 9.94 -4.48
CA VAL B 52 2.38 10.13 -3.22
C VAL B 52 3.82 10.54 -3.53
N ASP B 53 4.39 11.40 -2.70
CA ASP B 53 5.72 11.92 -2.98
C ASP B 53 6.76 11.45 -1.97
N ASP B 54 6.45 10.41 -1.20
CA ASP B 54 7.41 9.83 -0.27
C ASP B 54 6.98 8.41 0.03
N LEU B 55 7.97 7.53 0.23
CA LEU B 55 7.69 6.15 0.57
C LEU B 55 8.86 5.62 1.38
N VAL B 56 8.60 5.14 2.59
CA VAL B 56 9.62 4.55 3.43
C VAL B 56 9.07 3.30 4.10
N MET B 57 9.93 2.33 4.34
CA MET B 57 9.60 1.11 5.05
C MET B 57 10.30 1.07 6.40
N HIS B 58 9.54 0.83 7.47
CA HIS B 58 10.07 0.87 8.82
C HIS B 58 9.54 -0.30 9.61
N ARG B 59 10.27 -0.64 10.69
CA ARG B 59 9.81 -1.68 11.61
C ARG B 59 8.60 -1.22 12.39
N GLY B 60 7.67 -2.13 12.61
CA GLY B 60 6.41 -1.77 13.24
C GLY B 60 5.71 -2.94 13.85
N GLY B 61 4.38 -2.81 13.95
CA GLY B 61 3.58 -3.72 14.76
C GLY B 61 3.46 -3.17 16.17
N VAL B 62 2.27 -3.26 16.79
CA VAL B 62 2.10 -2.65 18.09
C VAL B 62 3.04 -3.25 19.12
N ALA B 63 3.20 -4.58 19.09
CA ALA B 63 4.07 -5.26 20.04
C ALA B 63 5.53 -4.96 19.75
N GLY B 64 5.91 -4.91 18.48
CA GLY B 64 7.26 -4.50 18.14
C GLY B 64 7.57 -3.11 18.63
N ASN B 65 6.63 -2.18 18.44
CA ASN B 65 6.84 -0.80 18.87
C ASN B 65 6.99 -0.70 20.39
N MET B 66 6.06 -1.33 21.13
CA MET B 66 6.11 -1.25 22.59
C MET B 66 7.36 -1.93 23.15
N ALA B 67 7.72 -3.10 22.60
CA ALA B 67 8.95 -3.76 23.05
C ALA B 67 10.17 -2.93 22.75
N PHE B 68 10.26 -2.36 21.54
CA PHE B 68 11.38 -1.48 21.22
C PHE B 68 11.51 -0.35 22.24
N ALA B 69 10.39 0.31 22.56
CA ALA B 69 10.47 1.45 23.46
C ALA B 69 10.87 1.00 24.88
N ILE B 70 10.27 -0.08 25.38
CA ILE B 70 10.64 -0.57 26.70
C ILE B 70 12.12 -0.93 26.74
N GLY B 71 12.61 -1.60 25.71
CA GLY B 71 14.01 -1.97 25.65
C GLY B 71 14.92 -0.77 25.61
N VAL B 72 14.58 0.23 24.78
CA VAL B 72 15.40 1.43 24.67
C VAL B 72 15.48 2.16 26.01
N LEU B 73 14.40 2.14 26.79
CA LEU B 73 14.37 2.83 28.07
C LEU B 73 15.00 2.01 29.20
N GLY B 74 15.45 0.80 28.93
CA GLY B 74 16.17 -0.01 29.87
C GLY B 74 15.38 -1.07 30.60
N GLY B 75 14.11 -1.24 30.27
CA GLY B 75 13.31 -2.25 30.93
C GLY B 75 13.64 -3.66 30.46
N GLU B 76 13.03 -4.61 31.15
CA GLU B 76 13.11 -6.03 30.80
C GLU B 76 11.82 -6.41 30.08
N VAL B 77 11.95 -6.85 28.83
CA VAL B 77 10.79 -7.02 27.97
C VAL B 77 11.02 -8.22 27.06
N ALA B 78 9.96 -8.99 26.87
CA ALA B 78 9.94 -10.11 25.93
C ALA B 78 8.86 -9.88 24.88
N LEU B 79 9.22 -10.04 23.61
CA LEU B 79 8.29 -9.89 22.50
C LEU B 79 7.65 -11.25 22.16
N VAL B 80 6.34 -11.30 22.22
CA VAL B 80 5.60 -12.55 22.04
C VAL B 80 4.59 -12.30 20.93
N GLY B 81 4.93 -12.70 19.72
CA GLY B 81 4.04 -12.54 18.58
C GLY B 81 4.55 -13.39 17.45
N ALA B 82 3.78 -13.36 16.34
CA ALA B 82 4.08 -14.17 15.17
C ALA B 82 4.63 -13.29 14.06
N ALA B 83 5.69 -13.76 13.41
CA ALA B 83 6.29 -13.09 12.27
C ALA B 83 6.69 -14.14 11.24
N GLY B 84 7.31 -13.70 10.15
CA GLY B 84 7.77 -14.56 9.10
C GLY B 84 9.29 -14.71 9.11
N ALA B 85 9.78 -15.56 8.20
CA ALA B 85 11.22 -15.83 8.11
C ALA B 85 12.00 -14.59 7.72
N ASP B 86 11.35 -13.58 7.15
CA ASP B 86 11.98 -12.30 6.89
C ASP B 86 12.41 -11.56 8.16
N PHE B 87 12.04 -12.07 9.33
CA PHE B 87 12.18 -11.36 10.59
C PHE B 87 13.60 -11.21 11.09
N ALA B 88 14.62 -11.77 10.43
CA ALA B 88 15.96 -11.84 11.01
C ALA B 88 16.54 -10.47 11.35
N ASP B 89 16.53 -9.54 10.38
CA ASP B 89 17.09 -8.21 10.64
C ASP B 89 16.33 -7.50 11.75
N TYR B 90 15.00 -7.56 11.73
CA TYR B 90 14.18 -7.00 12.80
C TYR B 90 14.57 -7.59 14.14
N ARG B 91 14.80 -8.91 14.18
CA ARG B 91 15.20 -9.56 15.42
C ARG B 91 16.49 -8.96 15.94
N ASP B 92 17.49 -8.84 15.07
CA ASP B 92 18.76 -8.26 15.51
C ASP B 92 18.54 -6.84 16.01
N TRP B 93 17.70 -6.07 15.31
CA TRP B 93 17.42 -4.70 15.70
C TRP B 93 16.85 -4.66 17.12
N LEU B 94 15.92 -5.55 17.44
CA LEU B 94 15.29 -5.52 18.75
C LEU B 94 16.21 -6.06 19.84
N LYS B 95 16.94 -7.16 19.55
CA LYS B 95 17.89 -7.71 20.50
C LYS B 95 18.97 -6.72 20.88
N ALA B 96 19.44 -5.91 19.92
CA ALA B 96 20.44 -4.91 20.22
C ALA B 96 19.96 -3.90 21.25
N ARG B 97 18.66 -3.82 21.50
CA ARG B 97 18.11 -2.92 22.52
C ARG B 97 17.51 -3.67 23.69
N GLY B 98 17.86 -4.93 23.88
CA GLY B 98 17.49 -5.67 25.07
C GLY B 98 16.20 -6.46 24.99
N VAL B 99 15.58 -6.57 23.83
CA VAL B 99 14.32 -7.28 23.72
C VAL B 99 14.58 -8.77 23.59
N ASN B 100 13.97 -9.57 24.44
CA ASN B 100 14.01 -11.01 24.30
C ASN B 100 13.03 -11.43 23.20
N CYS B 101 13.56 -11.99 22.12
CA CYS B 101 12.75 -12.42 20.98
C CYS B 101 12.65 -13.93 20.85
N ASP B 102 13.05 -14.69 21.87
CA ASP B 102 13.06 -16.14 21.75
C ASP B 102 11.68 -16.69 21.44
N HIS B 103 10.62 -16.02 21.90
CA HIS B 103 9.26 -16.54 21.78
C HIS B 103 8.44 -15.85 20.70
N VAL B 104 9.12 -15.29 19.70
CA VAL B 104 8.47 -14.91 18.46
C VAL B 104 8.26 -16.17 17.64
N LEU B 105 7.02 -16.47 17.31
CA LEU B 105 6.70 -17.56 16.40
C LEU B 105 7.03 -17.14 14.99
N ILE B 106 7.84 -17.96 14.30
CA ILE B 106 8.25 -17.71 12.92
C ILE B 106 7.46 -18.66 12.01
N SER B 107 6.60 -18.10 11.17
CA SER B 107 5.77 -18.92 10.30
C SER B 107 6.64 -19.63 9.25
N GLU B 108 6.26 -20.87 8.94
CA GLU B 108 6.97 -21.61 7.91
C GLU B 108 6.66 -21.06 6.51
N THR B 109 5.50 -20.43 6.35
CA THR B 109 5.00 -20.05 5.03
C THR B 109 4.72 -18.56 4.88
N ALA B 110 4.19 -17.90 5.91
CA ALA B 110 3.66 -16.56 5.76
C ALA B 110 4.72 -15.49 6.02
N HIS B 111 4.59 -14.38 5.30
CA HIS B 111 5.45 -13.24 5.53
C HIS B 111 4.98 -12.48 6.76
N THR B 112 5.89 -11.72 7.36
CA THR B 112 5.52 -10.80 8.42
C THR B 112 4.41 -9.85 7.95
N ALA B 113 3.45 -9.59 8.82
CA ALA B 113 2.37 -8.66 8.53
C ALA B 113 2.90 -7.35 7.94
N ARG B 114 2.01 -6.68 7.18
CA ARG B 114 2.36 -5.41 6.57
C ARG B 114 1.28 -4.36 6.83
N PHE B 115 1.70 -3.20 7.33
CA PHE B 115 0.85 -2.03 7.48
C PHE B 115 1.20 -1.07 6.36
N THR B 116 0.23 -0.75 5.51
CA THR B 116 0.42 0.16 4.39
C THR B 116 -0.41 1.40 4.65
N CYS B 117 0.23 2.55 4.73
CA CYS B 117 -0.43 3.75 5.22
C CYS B 117 -0.01 4.96 4.40
N THR B 118 -0.98 5.72 3.94
CA THR B 118 -0.75 6.99 3.28
C THR B 118 -1.25 8.09 4.21
N THR B 119 -0.36 9.01 4.57
CA THR B 119 -0.68 10.09 5.50
C THR B 119 -0.64 11.41 4.75
N ASP B 120 -1.64 12.26 4.95
CA ASP B 120 -1.68 13.53 4.26
C ASP B 120 -1.06 14.61 5.14
N VAL B 121 -1.08 15.86 4.67
CA VAL B 121 -0.37 16.92 5.37
C VAL B 121 -1.03 17.29 6.69
N ASP B 122 -2.29 16.92 6.89
CA ASP B 122 -2.97 17.16 8.16
C ASP B 122 -2.93 15.94 9.08
N MET B 123 -2.08 14.96 8.76
CA MET B 123 -1.90 13.74 9.54
C MET B 123 -3.08 12.79 9.42
N ALA B 124 -3.98 13.01 8.47
CA ALA B 124 -5.03 12.03 8.19
C ALA B 124 -4.44 10.82 7.49
N GLN B 125 -5.08 9.66 7.66
CA GLN B 125 -4.50 8.40 7.21
C GLN B 125 -5.52 7.54 6.47
N ILE B 126 -5.10 6.97 5.35
CA ILE B 126 -5.81 5.89 4.66
C ILE B 126 -4.88 4.71 4.63
N ALA B 127 -5.28 3.60 5.26
CA ALA B 127 -4.35 2.50 5.48
C ALA B 127 -5.03 1.16 5.28
N SER B 128 -4.21 0.17 4.98
CA SER B 128 -4.62 -1.22 4.92
C SER B 128 -3.65 -2.05 5.74
N PHE B 129 -4.15 -3.10 6.38
CA PHE B 129 -3.31 -3.99 7.16
C PHE B 129 -3.47 -5.41 6.67
N TYR B 130 -2.35 -6.05 6.29
CA TYR B 130 -2.31 -7.43 5.88
C TYR B 130 -1.72 -8.30 7.00
N PRO B 131 -2.50 -9.20 7.59
CA PRO B 131 -1.99 -9.96 8.74
C PRO B 131 -0.81 -10.88 8.43
N GLY B 132 -0.88 -11.63 7.35
CA GLY B 132 0.17 -12.61 7.07
C GLY B 132 0.42 -13.49 8.27
N ALA B 133 1.67 -13.56 8.70
CA ALA B 133 2.05 -14.42 9.83
C ALA B 133 1.32 -14.09 11.12
N MET B 134 0.76 -12.88 11.25
CA MET B 134 0.13 -12.50 12.50
C MET B 134 -0.99 -13.48 12.89
N SER B 135 -1.67 -14.06 11.90
CA SER B 135 -2.77 -14.96 12.21
C SER B 135 -2.30 -16.15 13.03
N GLU B 136 -1.05 -16.58 12.83
CA GLU B 136 -0.52 -17.72 13.57
C GLU B 136 -0.21 -17.41 15.03
N ALA B 137 -0.32 -16.15 15.46
CA ALA B 137 -0.14 -15.84 16.88
C ALA B 137 -1.10 -16.63 17.76
N ARG B 138 -2.23 -17.07 17.21
CA ARG B 138 -3.16 -17.89 17.98
C ARG B 138 -2.57 -19.24 18.36
N ASN B 139 -1.42 -19.61 17.79
CA ASN B 139 -0.75 -20.85 18.15
C ASN B 139 0.32 -20.67 19.23
N ILE B 140 0.47 -19.46 19.76
CA ILE B 140 1.45 -19.21 20.83
C ILE B 140 0.79 -19.50 22.16
N LYS B 141 1.47 -20.28 23.01
CA LYS B 141 0.99 -20.62 24.34
C LYS B 141 1.81 -19.83 25.36
N LEU B 142 1.14 -18.95 26.11
CA LEU B 142 1.86 -18.21 27.14
C LEU B 142 2.42 -19.13 28.22
N ALA B 143 1.84 -20.32 28.40
CA ALA B 143 2.37 -21.29 29.34
C ALA B 143 3.79 -21.68 28.97
N ASP B 144 4.06 -21.88 27.68
CA ASP B 144 5.42 -22.19 27.25
C ASP B 144 6.36 -21.02 27.52
N VAL B 145 5.90 -19.80 27.26
CA VAL B 145 6.72 -18.62 27.55
C VAL B 145 7.09 -18.62 29.03
N VAL B 146 6.09 -18.81 29.91
CA VAL B 146 6.35 -18.81 31.35
C VAL B 146 7.35 -19.90 31.70
N SER B 147 7.12 -21.12 31.23
CA SER B 147 8.05 -22.21 31.48
C SER B 147 9.46 -21.86 31.06
N ALA B 148 9.61 -21.03 30.02
CA ALA B 148 10.95 -20.71 29.54
C ALA B 148 11.59 -19.57 30.33
N ILE B 149 10.86 -18.49 30.59
CA ILE B 149 11.43 -17.29 31.17
C ILE B 149 10.80 -16.91 32.50
N GLY B 150 9.86 -17.68 32.99
CA GLY B 150 9.22 -17.40 34.26
C GLY B 150 8.03 -16.48 34.13
N LYS B 151 7.30 -16.34 35.23
CA LYS B 151 6.08 -15.55 35.24
C LYS B 151 6.41 -14.09 34.98
N PRO B 152 5.85 -13.46 33.94
CA PRO B 152 6.12 -12.03 33.73
C PRO B 152 5.37 -11.18 34.75
N GLU B 153 5.91 -9.99 34.97
CA GLU B 153 5.25 -9.04 35.84
C GLU B 153 3.96 -8.51 35.22
N LEU B 154 3.91 -8.41 33.90
CA LEU B 154 2.74 -7.88 33.21
C LEU B 154 2.76 -8.40 31.79
N VAL B 155 1.58 -8.71 31.26
CA VAL B 155 1.41 -9.10 29.87
C VAL B 155 0.54 -8.03 29.19
N ILE B 156 1.08 -7.38 28.18
CA ILE B 156 0.31 -6.40 27.41
C ILE B 156 -0.41 -7.16 26.32
N ILE B 157 -1.74 -7.04 26.27
CA ILE B 157 -2.56 -7.66 25.23
C ILE B 157 -2.88 -6.60 24.19
N GLY B 158 -1.94 -6.36 23.26
CA GLY B 158 -2.15 -5.37 22.23
C GLY B 158 -2.86 -5.95 21.00
N ALA B 159 -3.22 -5.05 20.08
CA ALA B 159 -3.85 -5.43 18.84
C ALA B 159 -3.05 -6.53 18.15
N ASN B 160 -3.74 -7.59 17.75
CA ASN B 160 -3.12 -8.83 17.34
C ASN B 160 -4.13 -9.61 16.48
N ASP B 161 -3.77 -10.82 16.12
CA ASP B 161 -4.80 -11.77 15.70
C ASP B 161 -5.88 -11.82 16.79
N PRO B 162 -7.16 -11.57 16.45
CA PRO B 162 -8.17 -11.49 17.53
C PRO B 162 -8.22 -12.75 18.37
N GLU B 163 -8.19 -13.92 17.74
CA GLU B 163 -8.23 -15.17 18.49
C GLU B 163 -7.03 -15.27 19.45
N ALA B 164 -5.86 -14.84 18.99
CA ALA B 164 -4.72 -14.78 19.89
C ALA B 164 -4.99 -13.86 21.06
N MET B 165 -5.64 -12.72 20.82
CA MET B 165 -5.94 -11.81 21.91
C MET B 165 -6.82 -12.49 22.97
N PHE B 166 -7.88 -13.17 22.52
CA PHE B 166 -8.76 -13.84 23.48
C PHE B 166 -8.03 -14.95 24.23
N LEU B 167 -7.27 -15.77 23.50
CA LEU B 167 -6.56 -16.88 24.13
C LEU B 167 -5.52 -16.39 25.12
N HIS B 168 -4.74 -15.37 24.73
CA HIS B 168 -3.74 -14.80 25.65
C HIS B 168 -4.41 -14.26 26.90
N THR B 169 -5.51 -13.52 26.75
CA THR B 169 -6.15 -12.93 27.91
C THR B 169 -6.64 -14.02 28.85
N GLU B 170 -7.30 -15.05 28.30
CA GLU B 170 -7.81 -16.12 29.16
C GLU B 170 -6.67 -16.90 29.81
N GLU B 171 -5.55 -17.09 29.11
CA GLU B 171 -4.40 -17.76 29.72
C GLU B 171 -3.80 -16.92 30.84
N CYS B 172 -3.83 -15.59 30.71
CA CYS B 172 -3.40 -14.74 31.83
C CYS B 172 -4.31 -14.93 33.03
N ARG B 173 -5.62 -14.90 32.80
CA ARG B 173 -6.57 -15.12 33.89
C ARG B 173 -6.32 -16.46 34.57
N LYS B 174 -6.07 -17.51 33.79
CA LYS B 174 -5.89 -18.86 34.33
C LYS B 174 -4.56 -19.01 35.07
N LEU B 175 -3.50 -18.42 34.56
CA LEU B 175 -2.19 -18.53 35.18
C LEU B 175 -1.93 -17.46 36.23
N GLY B 176 -2.89 -16.59 36.50
CA GLY B 176 -2.71 -15.52 37.47
C GLY B 176 -1.76 -14.42 37.04
N LEU B 177 -1.62 -14.18 35.75
CA LEU B 177 -0.73 -13.13 35.26
C LEU B 177 -1.49 -11.81 35.17
N ALA B 178 -0.90 -10.74 35.70
CA ALA B 178 -1.44 -9.41 35.47
C ALA B 178 -1.32 -9.07 33.98
N PHE B 179 -2.37 -8.47 33.42
CA PHE B 179 -2.36 -8.13 32.00
C PHE B 179 -2.93 -6.73 31.81
N ALA B 180 -2.47 -6.10 30.73
CA ALA B 180 -2.98 -4.80 30.29
C ALA B 180 -3.81 -5.03 29.04
N ALA B 181 -5.09 -4.64 29.10
CA ALA B 181 -5.97 -4.71 27.93
C ALA B 181 -5.70 -3.49 27.07
N ASP B 182 -5.16 -3.70 25.88
CA ASP B 182 -4.78 -2.62 24.96
C ASP B 182 -5.30 -2.95 23.56
N PRO B 183 -6.62 -3.13 23.42
CA PRO B 183 -7.17 -3.67 22.16
C PRO B 183 -7.11 -2.71 20.99
N SER B 184 -7.05 -1.40 21.25
CA SER B 184 -6.85 -0.37 20.25
C SER B 184 -7.70 -0.61 19.00
N GLN B 185 -7.06 -0.78 17.83
CA GLN B 185 -7.81 -0.80 16.58
C GLN B 185 -8.92 -1.84 16.60
N GLN B 186 -8.74 -2.93 17.34
CA GLN B 186 -9.76 -3.97 17.38
C GLN B 186 -11.05 -3.51 18.06
N LEU B 187 -11.02 -2.40 18.78
CA LEU B 187 -12.26 -1.88 19.34
C LEU B 187 -13.23 -1.47 18.24
N ALA B 188 -12.72 -1.10 17.07
CA ALA B 188 -13.59 -0.77 15.95
C ALA B 188 -14.18 -2.00 15.28
N ARG B 189 -13.62 -3.18 15.53
CA ARG B 189 -13.93 -4.38 14.77
C ARG B 189 -14.61 -5.47 15.60
N LEU B 190 -14.35 -5.54 16.90
CA LEU B 190 -14.90 -6.60 17.71
C LEU B 190 -16.32 -6.25 18.16
N SER B 191 -17.05 -7.29 18.56
CA SER B 191 -18.37 -7.09 19.15
C SER B 191 -18.24 -6.66 20.60
N GLY B 192 -19.35 -6.14 21.15
CA GLY B 192 -19.35 -5.75 22.56
C GLY B 192 -19.00 -6.89 23.49
N GLU B 193 -19.54 -8.07 23.22
CA GLU B 193 -19.23 -9.24 24.04
C GLU B 193 -17.74 -9.58 23.97
N GLU B 194 -17.18 -9.58 22.77
CA GLU B 194 -15.75 -9.86 22.62
C GLU B 194 -14.90 -8.86 23.41
N ILE B 195 -15.27 -7.57 23.33
CA ILE B 195 -14.52 -6.54 24.04
C ILE B 195 -14.62 -6.78 25.55
N ARG B 196 -15.84 -7.05 26.05
CA ARG B 196 -15.98 -7.40 27.45
C ARG B 196 -15.08 -8.57 27.82
N ARG B 197 -14.93 -9.54 26.91
CA ARG B 197 -14.06 -10.67 27.19
C ARG B 197 -12.60 -10.25 27.27
N LEU B 198 -12.21 -9.17 26.58
CA LEU B 198 -10.82 -8.70 26.68
C LEU B 198 -10.57 -7.82 27.91
N VAL B 199 -11.61 -7.23 28.48
CA VAL B 199 -11.40 -6.25 29.54
C VAL B 199 -11.43 -6.87 30.94
N ASN B 200 -12.25 -7.89 31.17
CA ASN B 200 -12.49 -8.43 32.50
C ASN B 200 -11.21 -8.82 33.20
N GLY B 201 -11.00 -8.27 34.40
CA GLY B 201 -9.86 -8.63 35.23
C GLY B 201 -8.57 -7.94 34.88
N ALA B 202 -8.59 -6.97 33.96
CA ALA B 202 -7.35 -6.33 33.55
C ALA B 202 -6.75 -5.50 34.67
N ALA B 203 -5.43 -5.61 34.84
CA ALA B 203 -4.73 -4.68 35.73
C ALA B 203 -4.78 -3.27 35.16
N TYR B 204 -4.65 -3.15 33.83
CA TYR B 204 -4.73 -1.87 33.16
C TYR B 204 -5.67 -1.96 31.97
N LEU B 205 -6.44 -0.91 31.74
CA LEU B 205 -7.13 -0.67 30.48
C LEU B 205 -6.56 0.59 29.84
N PHE B 206 -6.02 0.45 28.65
CA PHE B 206 -5.47 1.57 27.88
C PHE B 206 -6.39 1.84 26.69
N THR B 207 -6.86 3.08 26.56
CA THR B 207 -7.52 3.52 25.34
C THR B 207 -7.28 5.02 25.22
N ASN B 208 -7.61 5.57 24.05
CA ASN B 208 -7.81 7.01 23.93
C ASN B 208 -9.29 7.32 24.15
N ASP B 209 -9.61 8.60 24.23
CA ASP B 209 -10.96 9.01 24.65
C ASP B 209 -12.02 8.53 23.67
N TYR B 210 -11.73 8.63 22.36
CA TYR B 210 -12.64 8.11 21.36
C TYR B 210 -12.85 6.61 21.55
N GLU B 211 -11.75 5.86 21.70
CA GLU B 211 -11.83 4.43 21.94
C GLU B 211 -12.58 4.11 23.24
N TRP B 212 -12.42 4.97 24.26
CA TRP B 212 -13.17 4.77 25.50
C TRP B 212 -14.67 4.86 25.26
N ASP B 213 -15.11 5.92 24.58
CA ASP B 213 -16.53 6.03 24.24
C ASP B 213 -17.00 4.85 23.41
N LEU B 214 -16.18 4.42 22.44
CA LEU B 214 -16.55 3.29 21.60
C LEU B 214 -16.73 2.02 22.43
N LEU B 215 -15.79 1.76 23.34
CA LEU B 215 -15.87 0.60 24.21
C LEU B 215 -17.15 0.64 25.03
N LEU B 216 -17.43 1.76 25.67
CA LEU B 216 -18.65 1.85 26.47
C LEU B 216 -19.88 1.61 25.61
N SER B 217 -19.94 2.21 24.42
CA SER B 217 -21.10 2.04 23.56
C SER B 217 -21.29 0.57 23.19
N LYS B 218 -20.24 -0.09 22.70
CA LYS B 218 -20.41 -1.43 22.18
C LYS B 218 -20.63 -2.44 23.30
N THR B 219 -19.95 -2.29 24.44
CA THR B 219 -20.09 -3.26 25.51
C THR B 219 -21.40 -3.13 26.27
N GLY B 220 -22.05 -1.98 26.18
CA GLY B 220 -23.19 -1.71 27.04
C GLY B 220 -22.83 -1.43 28.47
N TRP B 221 -21.54 -1.27 28.77
CA TRP B 221 -21.10 -0.98 30.12
C TRP B 221 -21.19 0.51 30.40
N SER B 222 -21.40 0.84 31.67
CA SER B 222 -21.13 2.18 32.16
C SER B 222 -19.68 2.25 32.64
N GLU B 223 -19.21 3.47 32.93
CA GLU B 223 -17.87 3.61 33.48
C GLU B 223 -17.72 2.80 34.77
N ALA B 224 -18.72 2.87 35.66
CA ALA B 224 -18.64 2.11 36.90
C ALA B 224 -18.58 0.62 36.62
N ASP B 225 -19.31 0.16 35.59
CA ASP B 225 -19.25 -1.25 35.21
C ASP B 225 -17.83 -1.66 34.83
N VAL B 226 -17.12 -0.78 34.10
CA VAL B 226 -15.75 -1.08 33.71
C VAL B 226 -14.83 -1.06 34.92
N MET B 227 -14.92 0.00 35.72
CA MET B 227 -14.00 0.14 36.84
C MET B 227 -14.18 -0.96 37.87
N ALA B 228 -15.31 -1.66 37.85
CA ALA B 228 -15.50 -2.84 38.69
C ALA B 228 -14.71 -4.05 38.17
N GLN B 229 -14.26 -4.00 36.92
CA GLN B 229 -13.55 -5.11 36.31
C GLN B 229 -12.04 -4.90 36.24
N ILE B 230 -11.56 -3.68 36.45
CA ILE B 230 -10.17 -3.35 36.21
C ILE B 230 -9.59 -2.60 37.39
N ASP B 231 -8.26 -2.58 37.47
CA ASP B 231 -7.58 -1.87 38.54
C ASP B 231 -7.25 -0.43 38.19
N LEU B 232 -7.03 -0.11 36.92
CA LEU B 232 -6.74 1.27 36.55
C LEU B 232 -7.13 1.52 35.10
N ARG B 233 -7.81 2.63 34.86
CA ARG B 233 -8.11 3.08 33.51
C ARG B 233 -7.11 4.18 33.13
N VAL B 234 -6.49 4.02 31.96
CA VAL B 234 -5.61 5.05 31.40
C VAL B 234 -6.24 5.50 30.09
N THR B 235 -6.66 6.75 30.02
CA THR B 235 -7.32 7.28 28.84
C THR B 235 -6.53 8.48 28.33
N THR B 236 -5.90 8.32 27.17
CA THR B 236 -5.19 9.42 26.55
C THR B 236 -6.15 10.39 25.89
N LEU B 237 -5.82 11.68 25.98
CA LEU B 237 -6.68 12.76 25.53
C LEU B 237 -5.99 13.62 24.48
N GLY B 238 -5.04 13.03 23.75
CA GLY B 238 -4.29 13.76 22.75
C GLY B 238 -3.60 14.96 23.35
N PRO B 239 -3.71 16.11 22.68
CA PRO B 239 -3.06 17.33 23.20
C PRO B 239 -3.57 17.75 24.55
N LYS B 240 -4.69 17.21 25.00
CA LYS B 240 -5.24 17.53 26.31
C LYS B 240 -4.66 16.67 27.43
N GLY B 241 -3.69 15.81 27.12
CA GLY B 241 -3.02 15.04 28.17
C GLY B 241 -3.54 13.62 28.35
N VAL B 242 -3.63 13.16 29.59
CA VAL B 242 -4.02 11.79 29.88
C VAL B 242 -4.64 11.73 31.25
N ASP B 243 -5.70 10.95 31.36
CA ASP B 243 -6.36 10.67 32.63
C ASP B 243 -5.99 9.28 33.11
N LEU B 244 -5.69 9.17 34.40
CA LEU B 244 -5.46 7.89 35.06
C LEU B 244 -6.45 7.78 36.21
N VAL B 245 -7.33 6.78 36.14
CA VAL B 245 -8.52 6.73 37.00
C VAL B 245 -8.54 5.42 37.73
N GLU B 246 -8.59 5.48 39.06
CA GLU B 246 -8.72 4.30 39.92
C GLU B 246 -10.18 3.91 40.06
N PRO B 247 -10.45 2.70 40.54
CA PRO B 247 -11.85 2.26 40.62
C PRO B 247 -12.73 3.16 41.51
N ASP B 248 -12.17 3.77 42.55
CA ASP B 248 -12.95 4.63 43.43
C ASP B 248 -13.16 6.02 42.85
N GLY B 249 -12.83 6.23 41.57
CA GLY B 249 -13.01 7.51 40.93
C GLY B 249 -11.85 8.48 41.08
N THR B 250 -10.85 8.16 41.90
CA THR B 250 -9.68 9.02 42.00
C THR B 250 -9.05 9.19 40.63
N THR B 251 -8.82 10.44 40.23
CA THR B 251 -8.33 10.76 38.89
C THR B 251 -7.05 11.58 39.00
N ILE B 252 -6.03 11.16 38.25
CA ILE B 252 -4.81 11.92 38.06
C ILE B 252 -4.79 12.37 36.60
N HIS B 253 -4.62 13.66 36.39
CA HIS B 253 -4.51 14.19 35.04
C HIS B 253 -3.10 14.71 34.81
N VAL B 254 -2.55 14.42 33.64
CA VAL B 254 -1.20 14.83 33.25
C VAL B 254 -1.30 15.51 31.90
N GLY B 255 -0.66 16.67 31.77
CA GLY B 255 -0.58 17.31 30.48
C GLY B 255 0.51 16.70 29.62
N VAL B 256 0.56 17.16 28.38
CA VAL B 256 1.43 16.57 27.38
C VAL B 256 2.76 17.31 27.37
N VAL B 257 3.77 16.71 26.76
CA VAL B 257 4.99 17.42 26.37
C VAL B 257 4.67 18.10 25.04
N PRO B 258 4.79 19.41 24.92
CA PRO B 258 4.47 20.07 23.64
C PRO B 258 5.42 19.63 22.54
N GLU B 259 4.85 19.34 21.37
CA GLU B 259 5.66 18.88 20.26
C GLU B 259 6.30 20.06 19.54
N THR B 260 7.48 19.82 18.99
CA THR B 260 8.15 20.77 18.11
C THR B 260 7.81 20.51 16.65
N SER B 261 7.13 19.41 16.36
CA SER B 261 6.69 19.11 15.00
C SER B 261 5.65 17.99 15.07
N GLN B 262 4.77 17.96 14.07
CA GLN B 262 3.80 16.89 13.92
C GLN B 262 4.14 16.21 12.59
N THR B 263 5.01 15.21 12.67
CA THR B 263 5.52 14.56 11.47
C THR B 263 4.67 13.34 11.09
N ASP B 264 4.37 12.47 12.06
CA ASP B 264 3.71 11.20 11.76
C ASP B 264 3.09 10.64 13.03
N PRO B 265 1.76 10.54 13.11
CA PRO B 265 1.13 10.08 14.34
C PRO B 265 1.20 8.58 14.56
N THR B 266 1.77 7.83 13.63
CA THR B 266 1.80 6.37 13.74
C THR B 266 2.67 5.96 14.93
N GLY B 267 2.12 5.13 15.79
CA GLY B 267 2.85 4.56 16.90
C GLY B 267 2.91 5.44 18.14
N VAL B 268 2.22 6.59 18.14
CA VAL B 268 2.26 7.47 19.29
C VAL B 268 1.64 6.80 20.50
N GLY B 269 0.50 6.13 20.32
CA GLY B 269 -0.13 5.46 21.45
C GLY B 269 0.72 4.34 22.02
N ASP B 270 1.29 3.51 21.14
CA ASP B 270 2.18 2.44 21.58
C ASP B 270 3.28 3.02 22.46
N ALA B 271 3.85 4.14 22.03
CA ALA B 271 4.98 4.74 22.71
C ALA B 271 4.57 5.30 24.06
N PHE B 272 3.39 5.92 24.13
CA PHE B 272 2.91 6.37 25.42
C PHE B 272 2.81 5.20 26.39
N ARG B 273 2.20 4.11 25.95
CA ARG B 273 2.00 2.95 26.81
C ARG B 273 3.33 2.34 27.25
N ALA B 274 4.29 2.28 26.33
CA ALA B 274 5.58 1.71 26.66
C ALA B 274 6.28 2.57 27.70
N GLY B 275 6.27 3.88 27.51
CA GLY B 275 6.92 4.76 28.46
C GLY B 275 6.25 4.73 29.82
N PHE B 276 4.92 4.78 29.85
CA PHE B 276 4.19 4.71 31.10
C PHE B 276 4.51 3.42 31.84
N LEU B 277 4.45 2.28 31.16
CA LEU B 277 4.68 1.01 31.84
C LEU B 277 6.14 0.84 32.24
N THR B 278 7.08 1.38 31.48
CA THR B 278 8.47 1.36 31.91
C THR B 278 8.62 2.20 33.18
N GLY B 279 8.03 3.38 33.20
CA GLY B 279 8.09 4.20 34.40
C GLY B 279 7.49 3.50 35.62
N ARG B 280 6.32 2.88 35.45
CA ARG B 280 5.71 2.16 36.57
C ARG B 280 6.61 1.02 37.04
N SER B 281 7.16 0.24 36.11
CA SER B 281 8.04 -0.84 36.51
C SER B 281 9.27 -0.32 37.22
N ALA B 282 9.78 0.85 36.83
CA ALA B 282 10.96 1.43 37.43
C ALA B 282 10.72 2.06 38.80
N GLY B 283 9.47 2.07 39.27
CA GLY B 283 9.13 2.58 40.57
C GLY B 283 8.50 3.96 40.61
N LEU B 284 8.25 4.56 39.46
CA LEU B 284 7.63 5.88 39.43
C LEU B 284 6.14 5.80 39.76
N GLY B 285 5.62 6.88 40.33
CA GLY B 285 4.20 6.99 40.55
C GLY B 285 3.45 7.16 39.22
N LEU B 286 2.11 7.20 39.34
CA LEU B 286 1.25 7.26 38.17
C LEU B 286 1.49 8.53 37.37
N GLU B 287 1.58 9.67 38.06
CA GLU B 287 1.78 10.93 37.36
C GLU B 287 3.12 10.98 36.65
N ARG B 288 4.19 10.63 37.36
CA ARG B 288 5.52 10.68 36.76
C ARG B 288 5.64 9.70 35.60
N SER B 289 5.06 8.51 35.75
CA SER B 289 5.07 7.52 34.68
C SER B 289 4.32 8.04 33.45
N ALA B 290 3.17 8.69 33.66
CA ALA B 290 2.47 9.27 32.53
C ALA B 290 3.27 10.40 31.89
N GLN B 291 4.05 11.15 32.69
CA GLN B 291 4.90 12.19 32.12
C GLN B 291 5.99 11.61 31.21
N LEU B 292 6.63 10.52 31.66
CA LEU B 292 7.56 9.82 30.78
C LEU B 292 6.87 9.32 29.51
N GLY B 293 5.70 8.68 29.68
CA GLY B 293 4.99 8.20 28.50
C GLY B 293 4.70 9.31 27.52
N SER B 294 4.33 10.49 28.02
CA SER B 294 4.06 11.64 27.14
C SER B 294 5.32 12.07 26.40
N LEU B 295 6.47 12.05 27.07
CA LEU B 295 7.71 12.37 26.36
C LEU B 295 7.95 11.40 25.20
N VAL B 296 7.89 10.09 25.48
CA VAL B 296 8.18 9.11 24.44
C VAL B 296 7.17 9.26 23.29
N ALA B 297 5.90 9.51 23.65
CA ALA B 297 4.86 9.67 22.63
C ALA B 297 5.17 10.85 21.72
N VAL B 298 5.59 11.99 22.28
CA VAL B 298 5.87 13.14 21.43
C VAL B 298 7.10 12.90 20.57
N LEU B 299 8.08 12.15 21.08
CA LEU B 299 9.24 11.82 20.25
C LEU B 299 8.83 10.97 19.05
N VAL B 300 7.86 10.08 19.24
CA VAL B 300 7.38 9.30 18.10
C VAL B 300 6.56 10.18 17.15
N LEU B 301 5.75 11.07 17.69
CA LEU B 301 4.98 11.98 16.84
C LEU B 301 5.89 12.82 15.95
N GLU B 302 7.08 13.17 16.43
CA GLU B 302 7.99 14.07 15.71
C GLU B 302 8.91 13.34 14.75
N SER B 303 8.76 12.03 14.56
CA SER B 303 9.60 11.30 13.63
C SER B 303 8.74 10.45 12.72
N THR B 304 9.28 10.14 11.54
CA THR B 304 8.63 9.23 10.61
C THR B 304 8.95 7.80 11.01
N GLY B 305 7.92 6.96 11.11
CA GLY B 305 8.10 5.62 11.63
C GLY B 305 7.87 5.59 13.14
N THR B 306 7.78 4.37 13.66
CA THR B 306 7.42 4.17 15.04
C THR B 306 8.60 3.94 15.97
N GLN B 307 9.78 3.59 15.44
CA GLN B 307 10.95 3.20 16.20
C GLN B 307 12.16 3.98 15.73
N GLU B 308 11.94 5.17 15.19
CA GLU B 308 13.01 5.98 14.62
C GLU B 308 13.44 7.11 15.55
N TRP B 309 12.88 7.19 16.74
CA TRP B 309 13.24 8.21 17.71
C TRP B 309 14.51 7.82 18.44
N GLN B 310 15.13 8.82 19.07
CA GLN B 310 16.38 8.66 19.80
C GLN B 310 16.18 9.12 21.24
N TRP B 311 16.83 8.40 22.16
CA TRP B 311 16.75 8.69 23.59
C TRP B 311 18.04 9.41 23.99
N ASP B 312 17.90 10.64 24.48
CA ASP B 312 19.04 11.43 24.93
C ASP B 312 18.70 12.07 26.27
N TYR B 313 19.49 11.73 27.31
CA TYR B 313 19.17 12.18 28.66
C TYR B 313 19.00 13.69 28.72
N GLU B 314 19.94 14.44 28.13
CA GLU B 314 19.92 15.90 28.23
C GLU B 314 18.67 16.49 27.57
N ALA B 315 18.38 16.07 26.34
CA ALA B 315 17.22 16.61 25.64
C ALA B 315 15.92 16.17 26.30
N ALA B 316 15.83 14.89 26.68
CA ALA B 316 14.65 14.40 27.36
C ALA B 316 14.42 15.19 28.65
N ALA B 317 15.47 15.34 29.45
CA ALA B 317 15.32 16.06 30.72
C ALA B 317 14.89 17.50 30.47
N SER B 318 15.48 18.15 29.47
CA SER B 318 15.09 19.53 29.18
C SER B 318 13.61 19.63 28.80
N ARG B 319 13.11 18.71 27.97
CA ARG B 319 11.70 18.80 27.58
C ARG B 319 10.77 18.44 28.72
N LEU B 320 11.13 17.42 29.51
CA LEU B 320 10.34 17.09 30.67
C LEU B 320 10.33 18.25 31.67
N ALA B 321 11.47 18.92 31.87
CA ALA B 321 11.51 20.05 32.79
C ALA B 321 10.64 21.18 32.28
N GLY B 322 10.69 21.45 30.97
CA GLY B 322 9.85 22.50 30.41
C GLY B 322 8.38 22.23 30.62
N ALA B 323 7.97 20.96 30.51
CA ALA B 323 6.55 20.65 30.59
C ALA B 323 6.06 20.47 32.01
N TYR B 324 6.89 19.86 32.88
CA TYR B 324 6.45 19.38 34.18
C TYR B 324 7.28 19.86 35.36
N GLY B 325 8.34 20.60 35.10
CA GLY B 325 9.16 21.07 36.21
C GLY B 325 10.41 20.22 36.38
N GLU B 326 11.45 20.84 36.93
CA GLU B 326 12.75 20.20 37.05
C GLU B 326 12.70 19.01 38.00
N HIS B 327 11.89 19.07 39.05
CA HIS B 327 11.82 17.97 40.00
C HIS B 327 11.34 16.68 39.32
N ALA B 328 10.30 16.79 38.50
CA ALA B 328 9.74 15.65 37.80
C ALA B 328 10.72 15.07 36.78
N ALA B 329 11.35 15.95 36.01
CA ALA B 329 12.35 15.51 35.05
C ALA B 329 13.48 14.77 35.76
N ALA B 330 13.92 15.30 36.91
CA ALA B 330 14.99 14.69 37.67
C ALA B 330 14.60 13.32 38.18
N GLU B 331 13.39 13.17 38.72
CA GLU B 331 12.96 11.86 39.18
C GLU B 331 12.92 10.86 38.03
N ILE B 332 12.46 11.30 36.84
CA ILE B 332 12.40 10.40 35.71
C ILE B 332 13.80 9.95 35.31
N VAL B 333 14.71 10.91 35.17
CA VAL B 333 16.07 10.55 34.78
C VAL B 333 16.73 9.70 35.85
N ALA B 334 16.41 9.92 37.11
CA ALA B 334 17.05 9.18 38.19
C ALA B 334 16.75 7.68 38.11
N VAL B 335 15.52 7.30 37.73
CA VAL B 335 15.17 5.87 37.64
C VAL B 335 15.67 5.23 36.34
N LEU B 336 15.82 6.01 35.28
CA LEU B 336 16.32 5.48 34.02
C LEU B 336 17.85 5.42 33.99
N ALA B 337 18.52 6.23 34.81
CA ALA B 337 19.97 6.19 34.97
C ALA B 337 20.73 6.33 33.67
N1 ERJ C . 1.09 6.72 -13.48
N3 ERJ C . 1.37 4.52 -14.10
C4 ERJ C . 0.47 4.11 -13.19
C5 ERJ C . -0.17 5.03 -12.39
C6 ERJ C . 0.19 6.40 -12.56
C8 ERJ C . -0.92 3.06 -11.87
C20 ERJ C . -0.03 8.75 -12.00
C22 ERJ C . -1.68 8.35 -9.98
C1' ERJ C . 0.33 1.63 -13.48
C19 ERJ C . -0.36 7.41 -11.78
C2 ERJ C . 1.68 5.80 -14.22
C2' ERJ C . 0.49 0.44 -12.52
C23 ERJ C . -1.25 7.19 -10.69
C3' ERJ C . -0.24 -0.72 -13.24
C4' ERJ C . -0.71 -0.12 -14.56
C5' ERJ C . -2.08 -0.60 -15.02
N7 ERJ C . -1.03 4.33 -11.59
N9 ERJ C . -0.02 2.90 -12.84
O2' ERJ C . 1.85 0.16 -12.25
O3' ERJ C . 0.68 -1.79 -13.51
O4' ERJ C . -0.75 1.30 -14.33
O5' ERJ C . -2.49 0.16 -16.15
S21 ERJ C . -0.96 9.63 -10.79
N1 ERJ D . -14.05 -7.42 -21.68
N3 ERJ D . -15.43 -7.85 -19.86
C4 ERJ D . -15.24 -6.59 -19.40
C5 ERJ D . -14.45 -5.70 -20.10
C6 ERJ D . -13.82 -6.16 -21.29
C8 ERJ D . -15.22 -4.67 -18.33
C20 ERJ D . -12.22 -4.32 -21.52
C22 ERJ D . -12.14 -4.51 -24.12
C19 ERJ D . -13.02 -5.32 -22.06
C2 ERJ D . -14.84 -8.24 -20.98
C23 ERJ D . -12.97 -5.41 -23.44
N7 ERJ D . -14.45 -4.53 -19.41
N9 ERJ D . -15.71 -5.91 -18.30
S21 ERJ D . -11.42 -3.55 -22.87
NA NA E . -5.45 -8.62 -13.66
N1 ERJ F . -3.89 -4.75 13.57
N3 ERJ F . -1.82 -3.96 14.13
C4 ERJ F . -1.98 -2.87 13.32
C5 ERJ F . -3.13 -2.71 12.61
C6 ERJ F . -4.14 -3.71 12.76
C8 ERJ F . -1.84 -1.00 12.17
C20 ERJ F . -6.21 -4.78 12.25
C22 ERJ F . -7.11 -2.92 10.60
C1' ERJ F . 0.13 -1.52 13.58
C19 ERJ F . -5.36 -3.70 12.09
C2 ERJ F . -2.76 -4.87 14.25
C2' ERJ F . 1.15 -0.96 12.58
C23 ERJ F . -5.83 -2.69 11.22
C3' ERJ F . 1.83 0.21 13.36
C4' ERJ F . 1.19 0.18 14.72
C5' ERJ F . 0.93 1.54 15.35
N7 ERJ F . -3.01 -1.55 11.92
N9 ERJ F . -1.18 -1.80 13.02
O2' ERJ F . 2.02 -1.95 12.16
O3' ERJ F . 3.25 0.02 13.49
O4' ERJ F . -0.06 -0.49 14.55
O5' ERJ F . 0.40 1.42 16.65
S21 ERJ F . -7.56 -4.38 11.27
N1 ERJ G . 1.51 16.92 21.85
N3 ERJ G . 1.55 14.69 22.48
C4 ERJ G . 0.48 14.42 21.69
C5 ERJ G . -0.11 15.43 20.96
C6 ERJ G . 0.46 16.74 21.06
C8 ERJ G . -1.23 13.59 20.56
C20 ERJ G . -0.63 17.69 19.09
C22 ERJ G . -0.68 20.09 20.10
C19 ERJ G . -0.08 17.82 20.36
C2 ERJ G . 2.05 15.92 22.54
C23 ERJ G . -0.11 19.09 20.89
N7 ERJ G . -1.16 14.89 20.26
N9 ERJ G . -0.25 13.30 21.42
S21 ERJ G . -1.17 19.28 18.65
NA NA H . 5.98 8.63 14.03
C1 GOL I . -3.42 2.99 1.59
O1 GOL I . -2.61 4.07 1.37
C2 GOL I . -3.26 2.15 0.33
O2 GOL I . -3.50 2.99 -0.80
C3 GOL I . -4.29 1.06 0.26
O3 GOL I . -4.45 0.92 -1.08
#